data_4U0S
#
_entry.id   4U0S
#
_cell.length_a   71.040
_cell.length_b   76.010
_cell.length_c   92.030
_cell.angle_alpha   90.00
_cell.angle_beta   107.56
_cell.angle_gamma   90.00
#
_symmetry.space_group_name_H-M   'P 1 21 1'
#
loop_
_entity.id
_entity.type
_entity.pdbx_description
1 polymer 'Adenosine monophosphate-protein transferase FICD'
2 non-polymer "ADENOSINE-5'-DIPHOSPHATE"
3 non-polymer 'MAGNESIUM ION'
4 non-polymer 'TETRAETHYLENE GLYCOL'
5 water water
#
_entity_poly.entity_id   1
_entity_poly.type   'polypeptide(L)'
_entity_poly.pdbx_seq_one_letter_code
;GKLEARAALNQALEMKRQGKREKAQKLFMHALKMDPDFVDALTEFGIFSEEDKDIIQADYLYTRALTISPYHEKALVNRD
RTLPLVEEIDQRYFSIIDSKVKKVMSIPKGNSALRRVMEETYYHHIYHTVAIGGNTLTLSEIRHILETRYAVPGKSLEEQ
NEVIGMHAAMKYINTTLVSRIGSVTISDVLEIHRRVLGYVDPVEAGRFRTTQVLVGHHIPPHPQDVEKQMQEFVQWLNSE
EAMNLHPVEFAALAHYKLVYIHPFIDGNGRTSRLLMNLILMQAGYPPITIRKEQRSDYYHVLEAANEGDVRPFIRFIAKC
TETTLDTLLFATTEYSVALPEAQP
;
_entity_poly.pdbx_strand_id   A,B
#
loop_
_chem_comp.id
_chem_comp.type
_chem_comp.name
_chem_comp.formula
ADP non-polymer ADENOSINE-5'-DIPHOSPHATE 'C10 H15 N5 O10 P2'
MG non-polymer 'MAGNESIUM ION' 'Mg 2'
PG4 non-polymer 'TETRAETHYLENE GLYCOL' 'C8 H18 O5'
#
# COMPACT_ATOMS: atom_id res chain seq x y z
N ALA A 7 30.82 -9.28 46.20
CA ALA A 7 31.30 -8.15 45.41
C ALA A 7 30.96 -6.81 46.09
N ALA A 8 30.35 -5.84 45.37
CA ALA A 8 29.91 -4.52 45.89
C ALA A 8 28.58 -4.65 46.69
N LEU A 9 28.04 -5.89 46.75
CA LEU A 9 26.84 -6.30 47.49
C LEU A 9 27.10 -6.16 49.00
N ASN A 10 28.35 -6.48 49.43
CA ASN A 10 28.81 -6.38 50.81
C ASN A 10 28.80 -4.92 51.26
N GLN A 11 29.14 -4.00 50.33
CA GLN A 11 29.14 -2.56 50.55
C GLN A 11 27.68 -2.08 50.62
N ALA A 12 26.80 -2.71 49.81
CA ALA A 12 25.35 -2.44 49.75
C ALA A 12 24.67 -2.87 51.04
N LEU A 13 25.00 -4.10 51.54
CA LEU A 13 24.48 -4.69 52.77
C LEU A 13 24.79 -3.83 54.00
N GLU A 14 26.04 -3.32 54.09
CA GLU A 14 26.51 -2.47 55.18
C GLU A 14 25.80 -1.10 55.15
N MET A 15 25.57 -0.55 53.93
CA MET A 15 24.88 0.72 53.70
C MET A 15 23.42 0.69 54.19
N LYS A 16 22.79 -0.51 54.14
CA LYS A 16 21.43 -0.78 54.63
C LYS A 16 21.45 -0.68 56.15
N ARG A 17 22.48 -1.27 56.80
CA ARG A 17 22.66 -1.21 58.25
C ARG A 17 22.90 0.24 58.66
N GLN A 18 21.96 0.81 59.43
CA GLN A 18 21.93 2.21 59.90
C GLN A 18 21.79 3.23 58.75
N GLY A 19 20.54 3.63 58.49
CA GLY A 19 20.15 4.60 57.47
C GLY A 19 20.64 4.29 56.06
N LYS A 20 20.88 5.37 55.27
CA LYS A 20 21.41 5.35 53.90
C LYS A 20 20.70 4.37 52.96
N ARG A 21 19.37 4.57 52.79
CA ARG A 21 18.51 3.73 51.95
C ARG A 21 18.81 3.93 50.46
N GLU A 22 18.88 5.20 50.02
CA GLU A 22 19.16 5.63 48.64
C GLU A 22 20.54 5.17 48.20
N LYS A 23 21.53 5.28 49.12
CA LYS A 23 22.92 4.88 48.91
C LYS A 23 23.06 3.35 48.77
N ALA A 24 22.25 2.59 49.56
CA ALA A 24 22.23 1.12 49.53
C ALA A 24 21.56 0.62 48.26
N GLN A 25 20.43 1.25 47.85
CA GLN A 25 19.66 0.91 46.65
C GLN A 25 20.50 1.06 45.36
N LYS A 26 21.30 2.15 45.26
CA LYS A 26 22.20 2.45 44.13
C LYS A 26 23.31 1.40 44.01
N LEU A 27 23.87 0.97 45.16
CA LEU A 27 24.91 -0.03 45.32
C LEU A 27 24.42 -1.41 44.85
N PHE A 28 23.15 -1.73 45.15
CA PHE A 28 22.47 -2.97 44.77
C PHE A 28 22.30 -3.03 43.26
N MET A 29 21.95 -1.87 42.67
CA MET A 29 21.76 -1.67 41.24
C MET A 29 23.07 -1.80 40.48
N HIS A 30 24.18 -1.34 41.10
CA HIS A 30 25.53 -1.42 40.54
C HIS A 30 26.01 -2.87 40.48
N ALA A 31 25.87 -3.63 41.59
CA ALA A 31 26.25 -5.05 41.68
C ALA A 31 25.44 -5.96 40.72
N LEU A 32 24.22 -5.50 40.38
CA LEU A 32 23.32 -6.16 39.44
C LEU A 32 23.64 -5.71 38.00
N LYS A 33 24.19 -4.48 37.83
CA LYS A 33 24.59 -3.94 36.52
C LYS A 33 25.85 -4.66 36.02
N MET A 34 26.72 -5.12 36.96
CA MET A 34 27.91 -5.89 36.66
C MET A 34 27.52 -7.36 36.42
N ASP A 35 26.84 -7.99 37.39
CA ASP A 35 26.34 -9.34 37.22
C ASP A 35 24.82 -9.43 37.48
N PRO A 36 23.99 -9.38 36.40
CA PRO A 36 22.53 -9.50 36.60
C PRO A 36 22.07 -10.94 36.94
N ASP A 37 23.03 -11.89 36.97
CA ASP A 37 22.81 -13.29 37.32
C ASP A 37 23.46 -13.64 38.69
N PHE A 38 23.78 -12.60 39.49
CA PHE A 38 24.39 -12.74 40.81
C PHE A 38 23.32 -13.10 41.87
N VAL A 39 23.10 -14.42 42.08
CA VAL A 39 22.11 -15.00 42.99
C VAL A 39 22.00 -14.33 44.37
N ASP A 40 23.12 -14.08 45.04
CA ASP A 40 23.12 -13.41 46.36
C ASP A 40 22.72 -11.93 46.27
N ALA A 41 23.01 -11.27 45.14
CA ALA A 41 22.63 -9.86 44.95
C ALA A 41 21.13 -9.72 44.73
N LEU A 42 20.55 -10.67 43.98
CA LEU A 42 19.13 -10.71 43.65
C LEU A 42 18.32 -10.93 44.92
N THR A 43 18.72 -11.95 45.73
CA THR A 43 18.06 -12.30 46.99
C THR A 43 18.18 -11.21 48.04
N GLU A 44 19.31 -10.56 48.11
CA GLU A 44 19.45 -9.51 49.10
C GLU A 44 18.74 -8.23 48.71
N PHE A 45 18.62 -7.95 47.41
CA PHE A 45 17.84 -6.82 46.91
C PHE A 45 16.31 -7.10 47.10
N GLY A 46 15.91 -8.39 46.95
CA GLY A 46 14.56 -8.90 47.21
C GLY A 46 14.15 -8.62 48.64
N ILE A 47 15.03 -8.99 49.62
CA ILE A 47 14.86 -8.72 51.06
C ILE A 47 14.69 -7.19 51.27
N PHE A 48 15.61 -6.42 50.67
CA PHE A 48 15.66 -4.95 50.72
C PHE A 48 14.38 -4.31 50.17
N SER A 49 13.80 -4.88 49.08
CA SER A 49 12.59 -4.40 48.40
C SER A 49 11.32 -4.55 49.26
N GLU A 50 11.26 -5.62 50.07
CA GLU A 50 10.17 -5.92 51.00
C GLU A 50 10.03 -4.89 52.11
N GLU A 51 11.16 -4.25 52.50
CA GLU A 51 11.26 -3.20 53.53
C GLU A 51 10.61 -1.91 53.02
N ASP A 52 10.51 -1.77 51.70
CA ASP A 52 9.87 -0.65 51.00
C ASP A 52 8.41 -1.00 50.62
N LYS A 53 7.94 -2.19 51.06
CA LYS A 53 6.60 -2.74 50.82
C LYS A 53 6.40 -3.19 49.37
N ASP A 54 7.52 -3.48 48.65
CA ASP A 54 7.44 -3.96 47.27
C ASP A 54 7.67 -5.45 47.18
N ILE A 55 6.62 -6.17 47.53
CA ILE A 55 6.57 -7.63 47.48
C ILE A 55 6.61 -8.12 46.02
N ILE A 56 5.98 -7.36 45.09
CA ILE A 56 5.93 -7.73 43.68
C ILE A 56 7.31 -7.88 43.04
N GLN A 57 8.21 -6.89 43.30
CA GLN A 57 9.58 -6.80 42.81
C GLN A 57 10.52 -7.72 43.57
N ALA A 58 10.32 -7.84 44.90
CA ALA A 58 11.05 -8.75 45.77
C ALA A 58 10.83 -10.15 45.22
N ASP A 59 9.57 -10.49 44.87
CA ASP A 59 9.19 -11.79 44.29
C ASP A 59 9.77 -11.98 42.89
N TYR A 60 9.89 -10.89 42.09
CA TYR A 60 10.51 -10.94 40.77
C TYR A 60 12.00 -11.38 40.96
N LEU A 61 12.68 -10.74 41.92
CA LEU A 61 14.08 -10.95 42.30
C LEU A 61 14.40 -12.33 42.78
N TYR A 62 13.55 -12.90 43.63
CA TYR A 62 13.66 -14.28 44.15
C TYR A 62 13.36 -15.30 43.05
N THR A 63 12.44 -14.98 42.12
CA THR A 63 12.09 -15.89 41.02
C THR A 63 13.23 -15.93 40.01
N ARG A 64 13.89 -14.77 39.77
CA ARG A 64 15.03 -14.60 38.88
C ARG A 64 16.24 -15.39 39.40
N ALA A 65 16.50 -15.34 40.73
CA ALA A 65 17.60 -16.06 41.36
C ALA A 65 17.41 -17.59 41.24
N LEU A 66 16.17 -18.08 41.47
CA LEU A 66 15.84 -19.50 41.40
C LEU A 66 15.82 -20.08 39.98
N THR A 67 16.04 -19.24 38.97
CA THR A 67 16.15 -19.73 37.59
C THR A 67 17.65 -20.00 37.37
N ILE A 68 18.53 -19.15 37.97
CA ILE A 68 20.00 -19.25 37.95
C ILE A 68 20.40 -20.43 38.85
N SER A 69 20.10 -20.32 40.17
CA SER A 69 20.38 -21.34 41.18
C SER A 69 19.05 -21.92 41.74
N PRO A 70 18.48 -22.96 41.10
CA PRO A 70 17.20 -23.51 41.57
C PRO A 70 17.17 -24.16 42.95
N TYR A 71 18.25 -23.99 43.75
CA TYR A 71 18.33 -24.59 45.08
C TYR A 71 18.72 -23.65 46.22
N HIS A 72 19.11 -22.39 45.87
CA HIS A 72 19.50 -21.33 46.82
C HIS A 72 18.47 -21.26 47.97
N GLU A 73 18.88 -21.64 49.20
CA GLU A 73 17.99 -21.69 50.36
C GLU A 73 17.30 -20.37 50.72
N LYS A 74 18.06 -19.23 50.76
CA LYS A 74 17.55 -17.88 51.09
C LYS A 74 16.51 -17.38 50.07
N ALA A 75 16.73 -17.68 48.77
CA ALA A 75 15.82 -17.33 47.67
C ALA A 75 14.54 -18.16 47.83
N LEU A 76 14.71 -19.47 48.07
CA LEU A 76 13.64 -20.46 48.20
C LEU A 76 12.69 -20.20 49.33
N VAL A 77 13.22 -19.96 50.54
CA VAL A 77 12.39 -19.71 51.72
C VAL A 77 11.53 -18.45 51.58
N ASN A 78 12.05 -17.47 50.81
CA ASN A 78 11.39 -16.20 50.56
C ASN A 78 10.37 -16.31 49.44
N ARG A 79 10.71 -16.99 48.33
CA ARG A 79 9.82 -17.23 47.18
C ARG A 79 8.61 -18.05 47.56
N ASP A 80 8.78 -19.04 48.43
CA ASP A 80 7.69 -19.88 48.91
C ASP A 80 6.65 -19.08 49.69
N ARG A 81 7.09 -17.97 50.34
CA ARG A 81 6.25 -17.04 51.11
C ARG A 81 5.59 -15.99 50.20
N THR A 82 6.39 -15.32 49.35
CA THR A 82 5.91 -14.31 48.40
C THR A 82 5.06 -14.85 47.22
N LEU A 83 5.39 -16.06 46.68
CA LEU A 83 4.66 -16.68 45.56
C LEU A 83 3.15 -16.61 45.72
N PRO A 84 2.52 -17.25 46.76
CA PRO A 84 1.04 -17.24 46.85
C PRO A 84 0.43 -15.90 47.23
N LEU A 85 1.23 -15.04 47.88
CA LEU A 85 0.95 -13.68 48.32
C LEU A 85 0.80 -12.77 47.09
N VAL A 86 1.78 -12.84 46.16
CA VAL A 86 1.77 -12.08 44.90
C VAL A 86 0.60 -12.45 44.01
N GLU A 87 0.28 -13.75 43.94
CA GLU A 87 -0.86 -14.26 43.20
C GLU A 87 -2.14 -13.65 43.70
N GLU A 88 -2.23 -13.39 45.05
CA GLU A 88 -3.35 -12.75 45.72
C GLU A 88 -3.38 -11.27 45.40
N ILE A 89 -2.25 -10.58 45.49
CA ILE A 89 -2.12 -9.16 45.15
C ILE A 89 -2.56 -8.92 43.68
N ASP A 90 -2.08 -9.77 42.74
CA ASP A 90 -2.39 -9.64 41.30
C ASP A 90 -3.86 -9.91 40.96
N GLN A 91 -4.46 -10.88 41.68
CA GLN A 91 -5.83 -11.32 41.51
C GLN A 91 -6.78 -10.26 41.99
N ARG A 92 -6.41 -9.56 43.09
CA ARG A 92 -7.17 -8.47 43.69
C ARG A 92 -7.23 -7.30 42.73
N TYR A 93 -6.12 -6.98 42.06
CA TYR A 93 -6.03 -5.92 41.07
C TYR A 93 -6.94 -6.16 39.86
N PHE A 94 -7.00 -7.40 39.40
CA PHE A 94 -7.86 -7.87 38.33
C PHE A 94 -9.33 -7.79 38.74
N SER A 95 -9.65 -7.83 40.06
CA SER A 95 -11.02 -7.71 40.56
C SER A 95 -11.40 -6.22 40.64
N ILE A 96 -10.41 -5.34 40.89
CA ILE A 96 -10.58 -3.88 40.90
C ILE A 96 -10.91 -3.46 39.47
N ILE A 97 -10.17 -4.00 38.48
CA ILE A 97 -10.37 -3.77 37.05
C ILE A 97 -11.77 -4.23 36.63
N ASP A 98 -12.19 -5.43 37.07
CA ASP A 98 -13.50 -6.03 36.80
C ASP A 98 -14.67 -5.19 37.29
N SER A 99 -14.51 -4.50 38.45
CA SER A 99 -15.53 -3.62 39.08
C SER A 99 -15.65 -2.32 38.30
N LYS A 100 -14.50 -1.74 37.87
CA LYS A 100 -14.42 -0.51 37.09
C LYS A 100 -15.02 -0.70 35.68
N VAL A 101 -15.00 -1.96 35.17
CA VAL A 101 -15.59 -2.35 33.87
C VAL A 101 -17.10 -2.44 34.07
N LYS A 102 -17.55 -2.90 35.25
CA LYS A 102 -18.98 -2.98 35.59
C LYS A 102 -19.55 -1.57 35.65
N LYS A 103 -18.82 -0.64 36.31
CA LYS A 103 -19.19 0.76 36.39
C LYS A 103 -19.23 1.38 34.97
N VAL A 104 -18.15 1.25 34.16
CA VAL A 104 -18.08 1.76 32.77
C VAL A 104 -19.20 1.18 31.88
N MET A 105 -19.46 -0.13 31.99
CA MET A 105 -20.51 -0.81 31.24
C MET A 105 -21.84 -0.80 32.04
N SER A 106 -22.25 0.41 32.43
CA SER A 106 -23.47 0.78 33.16
C SER A 106 -23.68 2.31 32.94
N ILE A 107 -23.71 2.71 31.64
CA ILE A 107 -23.86 4.08 31.15
C ILE A 107 -24.63 4.04 29.81
N ASN A 111 -25.63 7.54 25.96
CA ASN A 111 -25.15 8.59 26.86
C ASN A 111 -24.33 9.63 26.10
N SER A 112 -24.36 10.90 26.58
CA SER A 112 -23.63 12.03 25.97
C SER A 112 -22.27 12.31 26.60
N ALA A 113 -22.14 12.09 27.94
CA ALA A 113 -20.92 12.29 28.72
C ALA A 113 -19.78 11.33 28.27
N LEU A 114 -20.15 10.06 27.97
CA LEU A 114 -19.28 8.99 27.52
C LEU A 114 -18.89 9.19 26.05
N ARG A 115 -19.87 9.54 25.18
CA ARG A 115 -19.68 9.76 23.74
C ARG A 115 -18.53 10.71 23.42
N ARG A 116 -18.40 11.82 24.20
CA ARG A 116 -17.35 12.84 24.08
C ARG A 116 -15.95 12.25 24.32
N VAL A 117 -15.86 11.28 25.26
CA VAL A 117 -14.61 10.59 25.60
C VAL A 117 -14.21 9.63 24.49
N MET A 118 -15.17 8.81 24.01
CA MET A 118 -15.02 7.79 22.95
C MET A 118 -14.41 8.33 21.66
N GLU A 119 -14.86 9.53 21.22
CA GLU A 119 -14.40 10.22 20.02
C GLU A 119 -12.99 10.76 20.20
N GLU A 120 -12.70 11.33 21.39
CA GLU A 120 -11.40 11.90 21.74
C GLU A 120 -10.33 10.80 21.86
N THR A 121 -10.72 9.57 22.24
CA THR A 121 -9.81 8.42 22.37
C THR A 121 -9.42 7.76 21.04
N TYR A 122 -10.21 7.98 19.97
CA TYR A 122 -9.91 7.40 18.66
C TYR A 122 -8.59 7.98 18.10
N TYR A 123 -8.48 9.31 18.14
CA TYR A 123 -7.35 10.11 17.68
C TYR A 123 -6.20 9.95 18.64
N HIS A 124 -6.55 9.77 19.94
CA HIS A 124 -5.62 9.55 21.05
C HIS A 124 -4.93 8.19 20.88
N HIS A 125 -5.70 7.10 20.54
CA HIS A 125 -5.12 5.78 20.31
C HIS A 125 -4.19 5.79 19.13
N ILE A 126 -4.60 6.42 18.00
CA ILE A 126 -3.77 6.57 16.81
C ILE A 126 -2.52 7.37 17.12
N TYR A 127 -2.66 8.53 17.78
CA TYR A 127 -1.49 9.34 18.14
C TYR A 127 -0.42 8.55 18.92
N HIS A 128 -0.79 7.87 20.03
CA HIS A 128 0.15 7.09 20.85
C HIS A 128 0.69 5.80 20.21
N THR A 129 -0.10 5.07 19.39
CA THR A 129 0.39 3.85 18.72
C THR A 129 1.48 4.19 17.67
N VAL A 130 1.36 5.34 17.00
CA VAL A 130 2.34 5.80 16.00
C VAL A 130 3.50 6.55 16.64
N ALA A 131 3.24 7.38 17.67
CA ALA A 131 4.25 8.16 18.40
C ALA A 131 5.25 7.28 19.15
N ILE A 132 4.80 6.11 19.63
CA ILE A 132 5.60 5.12 20.35
C ILE A 132 6.64 4.40 19.44
N GLY A 133 6.40 4.43 18.14
CA GLY A 133 7.29 3.87 17.11
C GLY A 133 8.18 4.88 16.40
N GLY A 134 8.14 6.14 16.83
CA GLY A 134 8.93 7.24 16.28
C GLY A 134 8.22 8.37 15.55
N ASN A 135 6.91 8.24 15.27
CA ASN A 135 6.13 9.26 14.55
C ASN A 135 5.92 10.64 15.28
N THR A 136 6.37 11.70 14.58
CA THR A 136 6.43 13.12 14.96
C THR A 136 5.09 13.89 14.86
N LEU A 137 4.06 13.31 14.20
CA LEU A 137 2.78 13.99 14.04
C LEU A 137 2.07 14.28 15.37
N THR A 138 1.47 15.47 15.46
CA THR A 138 0.71 15.93 16.62
C THR A 138 -0.72 15.38 16.48
N LEU A 139 -1.46 15.35 17.60
CA LEU A 139 -2.87 14.89 17.68
C LEU A 139 -3.72 15.73 16.72
N SER A 140 -3.41 17.03 16.65
CA SER A 140 -4.06 18.02 15.78
C SER A 140 -3.76 17.72 14.29
N GLU A 141 -2.50 17.28 13.97
CA GLU A 141 -2.07 16.93 12.62
C GLU A 141 -2.74 15.63 12.19
N ILE A 142 -2.86 14.66 13.13
CA ILE A 142 -3.55 13.37 12.95
C ILE A 142 -5.06 13.60 12.69
N ARG A 143 -5.67 14.53 13.44
CA ARG A 143 -7.07 14.90 13.28
C ARG A 143 -7.30 15.56 11.91
N HIS A 144 -6.35 16.41 11.46
CA HIS A 144 -6.42 17.05 10.15
C HIS A 144 -6.41 16.02 9.04
N ILE A 145 -5.44 15.07 9.07
CA ILE A 145 -5.28 13.96 8.11
C ILE A 145 -6.54 13.09 7.99
N LEU A 146 -7.07 12.65 9.12
CA LEU A 146 -8.23 11.78 9.10
C LEU A 146 -9.53 12.45 8.74
N GLU A 147 -9.74 13.71 9.19
CA GLU A 147 -10.97 14.46 8.88
C GLU A 147 -10.97 15.06 7.46
N THR A 148 -9.84 15.63 7.03
CA THR A 148 -9.76 16.30 5.72
C THR A 148 -9.32 15.43 4.54
N ARG A 149 -8.41 14.44 4.77
CA ARG A 149 -7.78 13.56 3.77
C ARG A 149 -6.67 14.31 3.01
N TYR A 150 -6.34 15.51 3.52
CA TYR A 150 -5.34 16.42 3.00
C TYR A 150 -4.11 16.33 3.84
N ALA A 151 -2.97 16.51 3.18
CA ALA A 151 -1.67 16.39 3.79
C ALA A 151 -1.31 17.57 4.70
N VAL A 152 -0.41 17.28 5.64
CA VAL A 152 0.11 18.20 6.61
C VAL A 152 1.45 18.73 6.08
N PRO A 153 1.58 20.07 5.95
CA PRO A 153 2.81 20.65 5.40
C PRO A 153 4.05 20.52 6.26
N GLY A 154 5.17 20.27 5.59
CA GLY A 154 6.49 20.13 6.21
C GLY A 154 6.65 18.88 7.04
N LYS A 155 5.81 17.87 6.76
CA LYS A 155 5.81 16.56 7.44
C LYS A 155 5.83 15.46 6.38
N SER A 156 6.72 14.47 6.56
CA SER A 156 6.92 13.36 5.63
C SER A 156 5.64 12.64 5.28
N LEU A 157 5.58 12.09 4.06
CA LEU A 157 4.41 11.35 3.60
C LEU A 157 4.26 10.01 4.30
N GLU A 158 5.40 9.38 4.68
CA GLU A 158 5.44 8.09 5.37
C GLU A 158 4.77 8.14 6.72
N GLU A 159 5.05 9.20 7.50
CA GLU A 159 4.47 9.45 8.83
C GLU A 159 2.96 9.63 8.74
N GLN A 160 2.50 10.22 7.64
CA GLN A 160 1.08 10.49 7.39
C GLN A 160 0.34 9.29 6.86
N ASN A 161 1.06 8.33 6.25
CA ASN A 161 0.51 7.08 5.70
C ASN A 161 0.41 5.98 6.76
N GLU A 162 1.13 6.19 7.89
CA GLU A 162 1.10 5.34 9.06
C GLU A 162 -0.25 5.53 9.73
N VAL A 163 -0.71 6.79 9.77
CA VAL A 163 -1.98 7.31 10.31
C VAL A 163 -3.19 6.83 9.51
N ILE A 164 -3.09 6.85 8.16
CA ILE A 164 -4.12 6.37 7.21
C ILE A 164 -4.24 4.84 7.38
N GLY A 165 -3.10 4.17 7.52
CA GLY A 165 -3.00 2.74 7.78
C GLY A 165 -3.69 2.37 9.07
N MET A 166 -3.41 3.12 10.15
CA MET A 166 -4.04 2.88 11.45
C MET A 166 -5.57 2.95 11.38
N HIS A 167 -6.10 4.07 10.88
CA HIS A 167 -7.51 4.32 10.70
C HIS A 167 -8.22 3.20 9.94
N ALA A 168 -7.63 2.72 8.84
CA ALA A 168 -8.13 1.62 8.00
C ALA A 168 -8.16 0.29 8.73
N ALA A 169 -7.10 -0.01 9.49
CA ALA A 169 -6.96 -1.23 10.29
C ALA A 169 -8.02 -1.26 11.39
N MET A 170 -8.19 -0.15 12.14
CA MET A 170 -9.21 -0.15 13.20
C MET A 170 -10.64 -0.19 12.68
N LYS A 171 -10.88 0.48 11.54
CA LYS A 171 -12.15 0.48 10.80
C LYS A 171 -12.45 -0.98 10.38
N TYR A 172 -11.46 -1.73 9.86
CA TYR A 172 -11.62 -3.13 9.43
C TYR A 172 -11.93 -4.09 10.60
N ILE A 173 -11.25 -3.93 11.75
CA ILE A 173 -11.47 -4.71 12.95
C ILE A 173 -12.93 -4.50 13.46
N ASN A 174 -13.36 -3.24 13.57
CA ASN A 174 -14.69 -2.92 14.06
C ASN A 174 -15.83 -3.43 13.19
N THR A 175 -15.67 -3.28 11.88
CA THR A 175 -16.58 -3.68 10.82
C THR A 175 -16.63 -5.19 10.61
N THR A 176 -15.47 -5.87 10.65
CA THR A 176 -15.32 -7.27 10.29
C THR A 176 -15.01 -8.26 11.41
N LEU A 177 -14.22 -7.85 12.40
CA LEU A 177 -13.65 -8.73 13.42
C LEU A 177 -14.26 -8.72 14.84
N VAL A 178 -14.58 -7.54 15.40
CA VAL A 178 -15.11 -7.41 16.76
C VAL A 178 -16.33 -8.27 17.03
N SER A 179 -17.44 -7.97 16.33
CA SER A 179 -18.74 -8.64 16.46
C SER A 179 -18.83 -10.00 15.74
N ARG A 180 -17.73 -10.43 15.09
CA ARG A 180 -17.66 -11.69 14.37
C ARG A 180 -17.60 -12.88 15.32
N ILE A 181 -18.37 -13.92 14.96
CA ILE A 181 -18.48 -15.16 15.70
C ILE A 181 -17.56 -16.20 15.10
N GLY A 182 -16.73 -16.82 15.94
CA GLY A 182 -15.81 -17.86 15.49
C GLY A 182 -14.36 -17.71 15.89
N SER A 183 -13.54 -18.56 15.28
CA SER A 183 -12.11 -18.63 15.52
C SER A 183 -11.32 -17.57 14.74
N VAL A 184 -10.25 -17.04 15.38
CA VAL A 184 -9.33 -16.06 14.80
C VAL A 184 -8.31 -16.84 13.97
N THR A 185 -8.06 -16.38 12.72
CA THR A 185 -7.14 -17.05 11.80
C THR A 185 -5.87 -16.24 11.55
N ILE A 186 -4.89 -16.87 10.88
CA ILE A 186 -3.64 -16.24 10.48
C ILE A 186 -3.98 -15.10 9.51
N SER A 187 -4.96 -15.33 8.61
CA SER A 187 -5.43 -14.37 7.60
C SER A 187 -6.01 -13.10 8.20
N ASP A 188 -6.68 -13.20 9.37
CA ASP A 188 -7.22 -12.02 10.07
C ASP A 188 -6.09 -11.13 10.50
N VAL A 189 -4.97 -11.74 10.95
CA VAL A 189 -3.76 -11.04 11.40
C VAL A 189 -3.09 -10.37 10.19
N LEU A 190 -3.01 -11.10 9.06
CA LEU A 190 -2.48 -10.60 7.80
C LEU A 190 -3.31 -9.45 7.25
N GLU A 191 -4.65 -9.49 7.43
CA GLU A 191 -5.54 -8.43 6.99
C GLU A 191 -5.38 -7.16 7.79
N ILE A 192 -5.08 -7.26 9.10
CA ILE A 192 -4.82 -6.12 9.98
C ILE A 192 -3.51 -5.40 9.55
N HIS A 193 -2.43 -6.16 9.41
CA HIS A 193 -1.11 -5.65 8.99
C HIS A 193 -1.18 -5.08 7.57
N ARG A 194 -1.94 -5.74 6.67
CA ARG A 194 -2.15 -5.29 5.31
C ARG A 194 -2.57 -3.80 5.28
N ARG A 195 -3.40 -3.40 6.26
CA ARG A 195 -3.92 -2.05 6.42
C ARG A 195 -2.99 -1.17 7.22
N VAL A 196 -2.42 -1.68 8.32
CA VAL A 196 -1.47 -0.95 9.19
C VAL A 196 -0.27 -0.43 8.34
N LEU A 197 0.38 -1.35 7.59
CA LEU A 197 1.60 -1.07 6.78
C LEU A 197 1.39 -0.69 5.30
N GLY A 198 0.23 -1.05 4.74
CA GLY A 198 -0.16 -0.89 3.35
C GLY A 198 0.21 0.37 2.60
N TYR A 199 -0.17 1.51 3.18
CA TYR A 199 0.06 2.83 2.60
C TYR A 199 1.51 3.26 2.70
N VAL A 200 2.28 2.64 3.62
CA VAL A 200 3.70 2.91 3.84
C VAL A 200 4.57 1.97 3.00
N ASP A 201 4.34 0.64 3.09
CA ASP A 201 5.09 -0.41 2.39
C ASP A 201 4.13 -1.43 1.81
N PRO A 202 3.59 -1.13 0.61
CA PRO A 202 2.65 -2.08 -0.05
C PRO A 202 3.22 -3.46 -0.38
N VAL A 203 4.54 -3.54 -0.59
CA VAL A 203 5.27 -4.76 -0.92
C VAL A 203 5.26 -5.77 0.27
N GLU A 204 5.62 -5.28 1.46
CA GLU A 204 5.70 -6.08 2.70
C GLU A 204 4.38 -6.24 3.51
N ALA A 205 3.45 -5.26 3.42
CA ALA A 205 2.14 -5.28 4.09
C ALA A 205 1.35 -6.61 3.90
N GLY A 206 1.01 -7.28 5.01
CA GLY A 206 0.26 -8.52 5.03
C GLY A 206 1.04 -9.73 4.57
N ARG A 207 2.37 -9.60 4.61
CA ARG A 207 3.36 -10.61 4.23
C ARG A 207 4.41 -10.75 5.37
N PHE A 208 4.79 -12.00 5.67
CA PHE A 208 5.78 -12.31 6.68
C PHE A 208 7.21 -11.91 6.27
N ARG A 209 8.07 -11.69 7.28
CA ARG A 209 9.49 -11.40 7.20
C ARG A 209 10.14 -12.48 6.33
N THR A 210 11.03 -12.07 5.42
CA THR A 210 11.78 -13.03 4.60
C THR A 210 13.23 -13.11 5.15
N THR A 211 13.59 -12.13 6.03
CA THR A 211 14.92 -12.01 6.62
C THR A 211 14.90 -12.13 8.14
N GLN A 212 16.07 -12.46 8.72
CA GLN A 212 16.24 -12.51 10.15
C GLN A 212 16.58 -11.09 10.62
N VAL A 213 15.87 -10.62 11.63
CA VAL A 213 16.04 -9.28 12.20
C VAL A 213 16.41 -9.33 13.69
N LEU A 214 16.77 -8.18 14.22
CA LEU A 214 17.07 -8.00 15.63
C LEU A 214 16.12 -6.91 16.19
N VAL A 215 15.46 -7.16 17.36
CA VAL A 215 14.59 -6.20 18.05
C VAL A 215 15.25 -5.89 19.38
N GLY A 216 16.01 -4.82 19.43
CA GLY A 216 16.74 -4.50 20.65
C GLY A 216 17.82 -5.54 20.86
N HIS A 217 17.57 -6.43 21.82
CA HIS A 217 18.44 -7.54 22.18
C HIS A 217 17.77 -8.87 21.89
N HIS A 218 16.54 -8.82 21.35
CA HIS A 218 15.74 -9.96 21.00
C HIS A 218 15.98 -10.35 19.57
N ILE A 219 16.15 -11.63 19.38
CA ILE A 219 16.36 -12.21 18.09
C ILE A 219 15.13 -13.11 17.92
N PRO A 220 14.16 -12.65 17.11
CA PRO A 220 12.94 -13.44 16.92
C PRO A 220 13.19 -14.74 16.13
N PRO A 221 12.19 -15.64 15.96
CA PRO A 221 12.41 -16.85 15.14
C PRO A 221 12.94 -16.55 13.75
N HIS A 222 13.57 -17.54 13.13
CA HIS A 222 14.11 -17.37 11.80
C HIS A 222 12.95 -17.36 10.81
N PRO A 223 12.99 -16.55 9.72
CA PRO A 223 11.88 -16.55 8.74
C PRO A 223 11.34 -17.93 8.29
N GLN A 224 12.19 -18.98 8.29
CA GLN A 224 11.81 -20.34 7.93
C GLN A 224 10.79 -20.93 8.92
N ASP A 225 10.81 -20.43 10.18
CA ASP A 225 10.00 -20.89 11.30
C ASP A 225 8.75 -20.03 11.62
N VAL A 226 8.64 -18.81 11.04
CA VAL A 226 7.52 -17.87 11.27
C VAL A 226 6.12 -18.48 11.06
N GLU A 227 5.91 -19.22 9.95
CA GLU A 227 4.62 -19.87 9.64
C GLU A 227 4.22 -20.89 10.72
N LYS A 228 5.14 -21.79 11.14
CA LYS A 228 4.88 -22.77 12.20
C LYS A 228 4.61 -22.10 13.55
N GLN A 229 5.39 -21.05 13.89
CA GLN A 229 5.25 -20.26 15.12
C GLN A 229 3.92 -19.50 15.22
N MET A 230 3.42 -19.01 14.08
CA MET A 230 2.17 -18.29 13.96
C MET A 230 0.95 -19.23 13.99
N GLN A 231 1.06 -20.42 13.38
CA GLN A 231 0.02 -21.46 13.37
C GLN A 231 -0.21 -21.97 14.78
N GLU A 232 0.88 -22.05 15.56
CA GLU A 232 0.89 -22.41 16.97
C GLU A 232 0.26 -21.27 17.77
N PHE A 233 0.54 -19.99 17.38
CA PHE A 233 0.03 -18.78 18.03
C PHE A 233 -1.49 -18.66 17.94
N VAL A 234 -2.05 -18.80 16.73
CA VAL A 234 -3.50 -18.75 16.48
C VAL A 234 -4.26 -19.91 17.16
N GLN A 235 -3.58 -21.06 17.32
CA GLN A 235 -4.12 -22.25 17.98
C GLN A 235 -4.34 -21.89 19.43
N TRP A 236 -3.34 -21.23 20.06
CA TRP A 236 -3.40 -20.72 21.44
C TRP A 236 -4.50 -19.66 21.60
N LEU A 237 -4.72 -18.82 20.59
CA LEU A 237 -5.78 -17.80 20.64
C LEU A 237 -7.17 -18.42 20.73
N ASN A 238 -7.36 -19.57 20.07
CA ASN A 238 -8.62 -20.30 20.04
C ASN A 238 -8.72 -21.44 21.07
N SER A 239 -7.59 -21.74 21.77
CA SER A 239 -7.50 -22.78 22.78
C SER A 239 -8.37 -22.46 23.99
N GLU A 240 -8.87 -23.52 24.67
CA GLU A 240 -9.74 -23.41 25.86
C GLU A 240 -9.05 -22.73 27.02
N GLU A 241 -7.75 -23.02 27.26
CA GLU A 241 -6.94 -22.43 28.34
C GLU A 241 -6.80 -20.91 28.22
N ALA A 242 -6.67 -20.40 26.98
CA ALA A 242 -6.55 -18.97 26.68
C ALA A 242 -7.85 -18.23 27.01
N MET A 243 -9.00 -18.86 26.68
CA MET A 243 -10.34 -18.37 26.96
C MET A 243 -10.68 -18.43 28.47
N ASN A 244 -9.96 -19.27 29.23
CA ASN A 244 -10.13 -19.42 30.68
C ASN A 244 -9.34 -18.35 31.45
N LEU A 245 -8.33 -17.74 30.81
CA LEU A 245 -7.50 -16.69 31.41
C LEU A 245 -8.35 -15.44 31.65
N HIS A 246 -7.90 -14.57 32.59
CA HIS A 246 -8.56 -13.29 32.80
C HIS A 246 -8.40 -12.50 31.50
N PRO A 247 -9.44 -11.80 31.00
CA PRO A 247 -9.28 -11.09 29.71
C PRO A 247 -8.05 -10.17 29.62
N VAL A 248 -7.66 -9.51 30.75
CA VAL A 248 -6.49 -8.62 30.79
C VAL A 248 -5.21 -9.42 30.65
N GLU A 249 -5.23 -10.71 31.07
CA GLU A 249 -4.10 -11.63 30.96
C GLU A 249 -4.01 -12.22 29.56
N PHE A 250 -5.14 -12.63 28.97
CA PHE A 250 -5.21 -13.14 27.60
C PHE A 250 -4.64 -12.10 26.62
N ALA A 251 -5.11 -10.86 26.72
CA ALA A 251 -4.69 -9.73 25.90
C ALA A 251 -3.17 -9.38 26.04
N ALA A 252 -2.63 -9.46 27.26
CA ALA A 252 -1.20 -9.20 27.53
C ALA A 252 -0.33 -10.26 26.91
N LEU A 253 -0.74 -11.54 27.04
CA LEU A 253 -0.04 -12.67 26.48
C LEU A 253 -0.14 -12.77 24.96
N ALA A 254 -1.30 -12.49 24.35
CA ALA A 254 -1.46 -12.53 22.92
C ALA A 254 -0.45 -11.61 22.25
N HIS A 255 -0.35 -10.38 22.78
CA HIS A 255 0.49 -9.30 22.36
C HIS A 255 1.94 -9.73 22.50
N TYR A 256 2.34 -10.24 23.68
CA TYR A 256 3.71 -10.69 23.93
C TYR A 256 4.09 -11.78 22.95
N LYS A 257 3.24 -12.80 22.82
CA LYS A 257 3.45 -13.90 21.91
C LYS A 257 3.62 -13.47 20.46
N LEU A 258 2.85 -12.49 20.00
CA LEU A 258 2.99 -12.05 18.60
C LEU A 258 4.25 -11.19 18.35
N VAL A 259 4.61 -10.36 19.30
CA VAL A 259 5.71 -9.44 19.24
C VAL A 259 7.05 -10.18 19.44
N TYR A 260 6.97 -11.35 20.09
CA TYR A 260 8.10 -12.24 20.28
C TYR A 260 8.40 -12.87 18.90
N ILE A 261 7.40 -13.53 18.26
CA ILE A 261 7.51 -14.13 16.93
C ILE A 261 8.02 -13.08 15.97
N HIS A 262 7.47 -11.86 16.03
CA HIS A 262 7.87 -10.74 15.16
C HIS A 262 7.71 -11.17 13.71
N PRO A 263 6.48 -11.47 13.26
CA PRO A 263 6.32 -12.03 11.91
C PRO A 263 6.61 -11.12 10.72
N PHE A 264 6.59 -9.80 10.92
CA PHE A 264 6.75 -8.81 9.87
C PHE A 264 7.96 -7.96 10.04
N ILE A 265 8.41 -7.34 8.93
CA ILE A 265 9.57 -6.43 8.89
C ILE A 265 9.34 -5.20 9.81
N ASP A 266 8.12 -4.64 9.74
CA ASP A 266 7.69 -3.52 10.54
C ASP A 266 6.19 -3.66 10.82
N GLY A 267 5.67 -2.84 11.71
CA GLY A 267 4.25 -2.87 12.07
C GLY A 267 3.85 -3.96 13.05
N ASN A 268 4.82 -4.55 13.76
CA ASN A 268 4.57 -5.65 14.69
C ASN A 268 3.84 -5.22 15.95
N GLY A 269 4.30 -4.13 16.55
CA GLY A 269 3.76 -3.47 17.74
C GLY A 269 2.40 -2.85 17.52
N ARG A 270 2.21 -2.18 16.38
CA ARG A 270 0.90 -1.65 15.99
C ARG A 270 -0.14 -2.75 15.85
N THR A 271 0.19 -3.88 15.18
CA THR A 271 -0.72 -5.04 15.00
C THR A 271 -1.02 -5.71 16.30
N SER A 272 0.00 -5.83 17.16
CA SER A 272 -0.07 -6.48 18.48
C SER A 272 -0.95 -5.70 19.42
N ARG A 273 -0.79 -4.36 19.45
CA ARG A 273 -1.58 -3.47 20.30
C ARG A 273 -3.00 -3.42 19.81
N LEU A 274 -3.23 -3.72 18.51
CA LEU A 274 -4.56 -3.77 17.90
C LEU A 274 -5.24 -5.11 18.21
N LEU A 275 -4.48 -6.23 18.10
CA LEU A 275 -4.96 -7.61 18.38
C LEU A 275 -5.33 -7.73 19.84
N MET A 276 -4.58 -7.02 20.68
CA MET A 276 -4.78 -6.96 22.11
C MET A 276 -6.12 -6.28 22.41
N ASN A 277 -6.47 -5.25 21.63
CA ASN A 277 -7.70 -4.47 21.78
C ASN A 277 -8.89 -5.16 21.24
N LEU A 278 -8.68 -6.06 20.27
CA LEU A 278 -9.69 -6.95 19.68
C LEU A 278 -10.10 -7.93 20.78
N ILE A 279 -9.10 -8.50 21.51
CA ILE A 279 -9.29 -9.41 22.64
C ILE A 279 -10.09 -8.74 23.75
N LEU A 280 -9.61 -7.58 24.25
CA LEU A 280 -10.26 -6.83 25.32
C LEU A 280 -11.72 -6.53 24.99
N MET A 281 -11.96 -5.90 23.83
CA MET A 281 -13.28 -5.53 23.36
C MET A 281 -14.24 -6.72 23.24
N GLN A 282 -13.77 -7.88 22.72
CA GLN A 282 -14.58 -9.09 22.62
C GLN A 282 -15.03 -9.61 23.99
N ALA A 283 -14.36 -9.16 25.07
CA ALA A 283 -14.61 -9.50 26.46
C ALA A 283 -15.37 -8.38 27.16
N GLY A 284 -15.84 -7.41 26.37
CA GLY A 284 -16.59 -6.26 26.86
C GLY A 284 -15.76 -5.26 27.64
N TYR A 285 -14.45 -5.17 27.30
CA TYR A 285 -13.54 -4.23 27.92
C TYR A 285 -13.37 -3.10 26.92
N PRO A 286 -13.04 -1.87 27.34
CA PRO A 286 -12.84 -0.82 26.32
C PRO A 286 -11.50 -1.03 25.60
N PRO A 287 -11.24 -0.41 24.42
CA PRO A 287 -9.89 -0.52 23.83
C PRO A 287 -8.92 0.24 24.73
N ILE A 288 -7.66 -0.20 24.83
CA ILE A 288 -6.67 0.48 25.69
C ILE A 288 -5.51 1.10 24.92
N THR A 289 -4.88 2.12 25.51
CA THR A 289 -3.72 2.79 24.91
C THR A 289 -2.47 2.82 25.83
N ILE A 290 -1.33 2.44 25.26
CA ILE A 290 0.01 2.47 25.83
C ILE A 290 0.47 3.80 25.27
N ARG A 291 0.66 4.77 26.16
CA ARG A 291 1.06 6.12 25.84
C ARG A 291 2.51 6.16 25.44
N LYS A 292 2.87 7.08 24.53
CA LYS A 292 4.24 7.28 24.02
C LYS A 292 5.32 7.48 25.12
N GLU A 293 4.92 8.01 26.28
CA GLU A 293 5.76 8.25 27.46
C GLU A 293 6.11 6.94 28.20
N GLN A 294 5.36 5.85 27.90
CA GLN A 294 5.54 4.53 28.51
C GLN A 294 6.48 3.62 27.74
N ARG A 295 6.95 4.03 26.53
CA ARG A 295 7.87 3.24 25.70
C ARG A 295 8.99 2.58 26.51
N SER A 296 9.63 3.33 27.41
CA SER A 296 10.75 2.82 28.24
C SER A 296 10.36 1.62 29.12
N ASP A 297 9.26 1.77 29.91
CA ASP A 297 8.76 0.71 30.80
C ASP A 297 8.23 -0.45 30.01
N TYR A 298 7.46 -0.13 28.93
CA TYR A 298 6.87 -1.04 27.96
C TYR A 298 7.97 -1.94 27.41
N TYR A 299 9.12 -1.38 27.04
CA TYR A 299 10.24 -2.16 26.53
C TYR A 299 10.91 -2.96 27.62
N HIS A 300 11.06 -2.36 28.79
CA HIS A 300 11.66 -3.02 29.94
C HIS A 300 10.90 -4.27 30.31
N VAL A 301 9.55 -4.15 30.30
CA VAL A 301 8.67 -5.25 30.66
C VAL A 301 8.66 -6.36 29.63
N LEU A 302 8.89 -6.02 28.36
CA LEU A 302 9.02 -6.96 27.23
C LEU A 302 10.37 -7.68 27.32
N GLU A 303 11.45 -6.94 27.59
CA GLU A 303 12.79 -7.49 27.83
C GLU A 303 12.71 -8.47 28.99
N ALA A 304 11.99 -8.10 30.06
CA ALA A 304 11.83 -8.97 31.22
C ALA A 304 11.06 -10.26 30.94
N ALA A 305 10.07 -10.24 30.02
CA ALA A 305 9.29 -11.42 29.63
C ALA A 305 10.14 -12.36 28.81
N ASN A 306 11.05 -11.81 27.97
CA ASN A 306 12.04 -12.54 27.18
C ASN A 306 12.96 -13.29 28.16
N GLU A 307 13.37 -12.59 29.26
CA GLU A 307 14.19 -13.13 30.34
C GLU A 307 13.54 -14.26 31.18
N GLY A 308 12.25 -14.54 30.93
CA GLY A 308 11.54 -15.62 31.64
C GLY A 308 10.29 -15.26 32.42
N ASP A 309 10.19 -13.99 32.91
CA ASP A 309 9.01 -13.57 33.66
C ASP A 309 8.05 -12.63 32.90
N VAL A 310 6.91 -13.19 32.42
CA VAL A 310 5.85 -12.46 31.71
C VAL A 310 4.89 -11.69 32.62
N ARG A 311 5.00 -11.84 33.96
CA ARG A 311 4.15 -11.13 34.90
C ARG A 311 4.30 -9.59 34.90
N PRO A 312 5.52 -8.99 34.93
CA PRO A 312 5.59 -7.51 34.89
C PRO A 312 4.95 -6.84 33.66
N PHE A 313 4.81 -7.58 32.52
CA PHE A 313 4.15 -7.10 31.30
C PHE A 313 2.64 -7.19 31.46
N ILE A 314 2.14 -8.20 32.19
CA ILE A 314 0.71 -8.39 32.47
C ILE A 314 0.22 -7.22 33.34
N ARG A 315 1.00 -6.88 34.36
CA ARG A 315 0.74 -5.79 35.29
C ARG A 315 0.81 -4.43 34.58
N PHE A 316 1.76 -4.27 33.64
CA PHE A 316 1.90 -3.11 32.80
C PHE A 316 0.59 -2.94 31.97
N ILE A 317 0.09 -4.01 31.36
CA ILE A 317 -1.13 -3.99 30.58
C ILE A 317 -2.35 -3.71 31.45
N ALA A 318 -2.40 -4.30 32.66
CA ALA A 318 -3.47 -4.14 33.64
C ALA A 318 -3.57 -2.71 34.12
N LYS A 319 -2.42 -2.02 34.28
CA LYS A 319 -2.30 -0.60 34.67
C LYS A 319 -2.79 0.33 33.55
N CYS A 320 -2.45 0.02 32.28
CA CYS A 320 -2.92 0.75 31.11
C CYS A 320 -4.43 0.56 31.04
N THR A 321 -4.95 -0.66 31.34
CA THR A 321 -6.40 -0.87 31.33
C THR A 321 -7.08 -0.09 32.43
N GLU A 322 -6.51 -0.03 33.65
CA GLU A 322 -7.07 0.77 34.76
C GLU A 322 -7.09 2.26 34.42
N THR A 323 -5.96 2.83 33.94
CA THR A 323 -5.89 4.25 33.54
C THR A 323 -6.89 4.63 32.42
N THR A 324 -7.18 3.68 31.50
CA THR A 324 -8.18 3.83 30.42
C THR A 324 -9.58 3.85 31.06
N LEU A 325 -9.84 2.94 32.02
CA LEU A 325 -11.11 2.82 32.74
C LEU A 325 -11.37 4.03 33.64
N ASP A 326 -10.30 4.63 34.20
CA ASP A 326 -10.37 5.84 35.01
C ASP A 326 -10.82 7.05 34.18
N THR A 327 -10.24 7.27 32.98
CA THR A 327 -10.66 8.39 32.12
C THR A 327 -12.18 8.31 31.78
N LEU A 328 -12.66 7.13 31.44
CA LEU A 328 -14.07 6.89 31.16
C LEU A 328 -14.97 7.05 32.41
N LEU A 329 -14.43 6.87 33.63
CA LEU A 329 -15.26 7.00 34.84
C LEU A 329 -15.47 8.45 35.30
N PHE A 330 -14.87 9.39 34.58
CA PHE A 330 -15.08 10.81 34.82
C PHE A 330 -16.53 11.20 34.43
N ALA A 331 -17.18 10.35 33.58
CA ALA A 331 -18.58 10.46 33.15
C ALA A 331 -19.61 10.14 34.28
N THR A 332 -19.21 9.40 35.36
CA THR A 332 -20.01 9.02 36.54
C THR A 332 -19.13 9.18 37.79
N ALA B 7 -30.03 12.31 -46.03
CA ALA B 7 -30.27 13.24 -44.92
C ALA B 7 -29.65 14.64 -45.21
N ALA B 8 -28.85 15.18 -44.27
CA ALA B 8 -28.14 16.47 -44.39
C ALA B 8 -26.86 16.31 -45.24
N LEU B 9 -26.59 15.06 -45.68
CA LEU B 9 -25.48 14.64 -46.54
C LEU B 9 -25.65 15.25 -47.93
N ASN B 10 -26.92 15.35 -48.40
CA ASN B 10 -27.32 15.93 -49.69
C ASN B 10 -27.00 17.43 -49.68
N GLN B 11 -27.15 18.10 -48.52
CA GLN B 11 -26.82 19.50 -48.32
C GLN B 11 -25.28 19.66 -48.32
N ALA B 12 -24.55 18.61 -47.86
CA ALA B 12 -23.09 18.54 -47.82
C ALA B 12 -22.49 18.39 -49.22
N LEU B 13 -23.00 17.44 -50.04
CA LEU B 13 -22.56 17.16 -51.43
C LEU B 13 -22.74 18.39 -52.34
N GLU B 14 -23.87 19.11 -52.18
CA GLU B 14 -24.24 20.34 -52.92
C GLU B 14 -23.29 21.47 -52.53
N MET B 15 -22.83 21.44 -51.28
CA MET B 15 -21.88 22.41 -50.77
C MET B 15 -20.51 22.15 -51.38
N LYS B 16 -20.07 20.87 -51.48
CA LYS B 16 -18.78 20.47 -52.09
C LYS B 16 -18.71 20.98 -53.53
N ARG B 17 -19.81 20.78 -54.30
CA ARG B 17 -19.94 21.25 -55.68
C ARG B 17 -19.94 22.78 -55.64
N GLN B 18 -18.91 23.40 -56.24
CA GLN B 18 -18.67 24.85 -56.30
C GLN B 18 -18.40 25.48 -54.91
N GLY B 19 -17.11 25.56 -54.58
CA GLY B 19 -16.57 26.13 -53.34
C GLY B 19 -17.13 25.55 -52.07
N LYS B 20 -17.18 26.36 -51.00
CA LYS B 20 -17.71 26.05 -49.66
C LYS B 20 -17.22 24.73 -49.05
N ARG B 21 -15.89 24.59 -48.91
CA ARG B 21 -15.25 23.40 -48.35
C ARG B 21 -15.50 23.26 -46.84
N GLU B 22 -15.29 24.36 -46.08
CA GLU B 22 -15.48 24.44 -44.63
C GLU B 22 -16.94 24.18 -44.25
N LYS B 23 -17.89 24.73 -45.07
CA LYS B 23 -19.34 24.58 -44.91
C LYS B 23 -19.77 23.14 -45.18
N ALA B 24 -19.10 22.48 -46.16
CA ALA B 24 -19.36 21.10 -46.54
C ALA B 24 -18.86 20.14 -45.45
N GLN B 25 -17.62 20.38 -44.94
CA GLN B 25 -16.98 19.57 -43.89
C GLN B 25 -17.79 19.52 -42.60
N LYS B 26 -18.37 20.68 -42.19
CA LYS B 26 -19.21 20.84 -40.98
C LYS B 26 -20.52 20.05 -41.12
N LEU B 27 -21.12 20.09 -42.33
CA LEU B 27 -22.35 19.41 -42.72
C LEU B 27 -22.17 17.88 -42.69
N PHE B 28 -20.98 17.40 -43.11
CA PHE B 28 -20.58 15.99 -43.12
C PHE B 28 -20.50 15.47 -41.69
N MET B 29 -19.93 16.32 -40.80
CA MET B 29 -19.73 16.05 -39.38
C MET B 29 -21.07 15.98 -38.66
N HIS B 30 -22.03 16.83 -39.08
CA HIS B 30 -23.39 16.88 -38.53
C HIS B 30 -24.15 15.59 -38.87
N ALA B 31 -24.14 15.17 -40.16
CA ALA B 31 -24.81 13.95 -40.65
C ALA B 31 -24.23 12.68 -40.01
N LEU B 32 -22.96 12.73 -39.58
CA LEU B 32 -22.25 11.65 -38.90
C LEU B 32 -22.51 11.72 -37.39
N LYS B 33 -22.78 12.94 -36.86
CA LYS B 33 -23.10 13.15 -35.43
C LYS B 33 -24.49 12.59 -35.12
N MET B 34 -25.41 12.63 -36.11
CA MET B 34 -26.76 12.08 -36.01
C MET B 34 -26.69 10.56 -36.21
N ASP B 35 -26.15 10.12 -37.35
CA ASP B 35 -25.96 8.69 -37.60
C ASP B 35 -24.49 8.36 -37.93
N PRO B 36 -23.70 7.91 -36.93
CA PRO B 36 -22.29 7.52 -37.20
C PRO B 36 -22.16 6.19 -37.95
N ASP B 37 -23.32 5.52 -38.23
CA ASP B 37 -23.42 4.25 -38.98
C ASP B 37 -24.08 4.48 -40.35
N PHE B 38 -24.13 5.74 -40.81
CA PHE B 38 -24.70 6.15 -42.09
C PHE B 38 -23.70 5.89 -43.24
N VAL B 39 -23.77 4.68 -43.82
CA VAL B 39 -22.91 4.18 -44.91
C VAL B 39 -22.60 5.19 -46.03
N ASP B 40 -23.62 5.87 -46.56
CA ASP B 40 -23.43 6.87 -47.62
C ASP B 40 -22.70 8.13 -47.13
N ALA B 41 -22.87 8.48 -45.85
CA ALA B 41 -22.21 9.66 -45.27
C ALA B 41 -20.72 9.39 -45.06
N LEU B 42 -20.40 8.15 -44.64
CA LEU B 42 -19.03 7.70 -44.37
C LEU B 42 -18.23 7.69 -45.67
N THR B 43 -18.82 7.08 -46.74
CA THR B 43 -18.22 6.97 -48.07
C THR B 43 -18.06 8.34 -48.74
N GLU B 44 -19.03 9.24 -48.60
CA GLU B 44 -18.91 10.57 -49.19
C GLU B 44 -17.87 11.43 -48.46
N PHE B 45 -17.77 11.26 -47.14
CA PHE B 45 -16.78 11.98 -46.34
C PHE B 45 -15.35 11.46 -46.63
N GLY B 46 -15.23 10.14 -46.87
CA GLY B 46 -13.99 9.47 -47.24
C GLY B 46 -13.44 10.01 -48.56
N ILE B 47 -14.34 10.20 -49.55
CA ILE B 47 -14.05 10.75 -50.87
C ILE B 47 -13.63 12.23 -50.71
N PHE B 48 -14.35 12.95 -49.84
CA PHE B 48 -14.09 14.35 -49.50
C PHE B 48 -12.71 14.53 -48.79
N SER B 49 -12.32 13.57 -47.92
CA SER B 49 -11.07 13.55 -47.17
C SER B 49 -9.83 13.38 -48.05
N GLU B 50 -9.96 12.60 -49.14
CA GLU B 50 -8.89 12.36 -50.14
C GLU B 50 -8.50 13.62 -50.90
N GLU B 51 -9.45 14.57 -51.07
CA GLU B 51 -9.29 15.86 -51.74
C GLU B 51 -8.40 16.79 -50.90
N ASP B 52 -8.33 16.51 -49.58
CA ASP B 52 -7.50 17.22 -48.60
C ASP B 52 -6.16 16.45 -48.38
N LYS B 53 -5.93 15.37 -49.16
CA LYS B 53 -4.76 14.47 -49.16
C LYS B 53 -4.73 13.60 -47.90
N ASP B 54 -5.89 13.42 -47.24
CA ASP B 54 -6.01 12.60 -46.05
C ASP B 54 -6.53 11.20 -46.37
N ILE B 55 -5.65 10.35 -46.94
CA ILE B 55 -5.90 8.96 -47.32
C ILE B 55 -6.18 8.08 -46.11
N ILE B 56 -5.43 8.32 -45.00
CA ILE B 56 -5.54 7.56 -43.75
C ILE B 56 -6.98 7.62 -43.17
N GLN B 57 -7.54 8.84 -43.04
CA GLN B 57 -8.90 9.04 -42.54
C GLN B 57 -9.92 8.43 -43.50
N ALA B 58 -9.72 8.68 -44.83
CA ALA B 58 -10.56 8.19 -45.93
C ALA B 58 -10.64 6.70 -45.82
N ASP B 59 -9.47 6.00 -45.70
CA ASP B 59 -9.46 4.55 -45.53
C ASP B 59 -10.28 4.11 -44.32
N TYR B 60 -10.13 4.79 -43.15
CA TYR B 60 -10.92 4.47 -41.95
C TYR B 60 -12.42 4.60 -42.22
N LEU B 61 -12.84 5.71 -42.90
CA LEU B 61 -14.23 5.98 -43.29
C LEU B 61 -14.82 4.90 -44.18
N TYR B 62 -14.07 4.49 -45.24
CA TYR B 62 -14.43 3.39 -46.18
C TYR B 62 -14.51 2.03 -45.45
N THR B 63 -13.54 1.77 -44.53
CA THR B 63 -13.43 0.55 -43.69
C THR B 63 -14.63 0.47 -42.74
N ARG B 64 -14.96 1.60 -42.06
CA ARG B 64 -16.08 1.76 -41.10
C ARG B 64 -17.42 1.46 -41.79
N ALA B 65 -17.62 1.94 -43.03
CA ALA B 65 -18.82 1.72 -43.80
C ALA B 65 -18.98 0.23 -44.15
N LEU B 66 -17.89 -0.45 -44.55
CA LEU B 66 -17.87 -1.86 -44.90
C LEU B 66 -18.03 -2.83 -43.71
N THR B 67 -18.08 -2.30 -42.49
CA THR B 67 -18.34 -3.12 -41.32
C THR B 67 -19.87 -3.11 -41.13
N ILE B 68 -20.52 -1.94 -41.42
CA ILE B 68 -21.98 -1.72 -41.37
C ILE B 68 -22.60 -2.48 -42.57
N SER B 69 -22.25 -2.05 -43.80
CA SER B 69 -22.71 -2.64 -45.06
C SER B 69 -21.53 -3.30 -45.81
N PRO B 70 -21.23 -4.59 -45.53
CA PRO B 70 -20.09 -5.25 -46.18
C PRO B 70 -20.18 -5.44 -47.69
N TYR B 71 -21.17 -4.82 -48.36
CA TYR B 71 -21.35 -4.96 -49.81
C TYR B 71 -21.48 -3.66 -50.60
N HIS B 72 -21.57 -2.51 -49.90
CA HIS B 72 -21.67 -1.15 -50.47
C HIS B 72 -20.61 -0.99 -51.58
N GLU B 73 -21.06 -0.89 -52.85
CA GLU B 73 -20.19 -0.81 -54.03
C GLU B 73 -19.20 0.37 -54.01
N LYS B 74 -19.68 1.61 -53.69
CA LYS B 74 -18.86 2.84 -53.65
C LYS B 74 -17.77 2.78 -52.56
N ALA B 75 -18.09 2.17 -51.38
CA ALA B 75 -17.15 1.98 -50.28
C ALA B 75 -16.10 0.97 -50.70
N LEU B 76 -16.55 -0.15 -51.29
CA LEU B 76 -15.74 -1.28 -51.74
C LEU B 76 -14.70 -0.93 -52.76
N VAL B 77 -15.11 -0.25 -53.83
CA VAL B 77 -14.20 0.12 -54.91
C VAL B 77 -13.08 1.07 -54.46
N ASN B 78 -13.37 1.92 -53.46
CA ASN B 78 -12.45 2.89 -52.86
C ASN B 78 -11.51 2.24 -51.81
N ARG B 79 -12.09 1.43 -50.89
CA ARG B 79 -11.35 0.67 -49.88
C ARG B 79 -10.31 -0.25 -50.51
N ASP B 80 -10.70 -0.99 -51.59
CA ASP B 80 -9.81 -1.92 -52.31
C ASP B 80 -8.54 -1.23 -52.84
N ARG B 81 -8.65 0.10 -53.09
CA ARG B 81 -7.55 0.96 -53.51
C ARG B 81 -6.79 1.51 -52.28
N THR B 82 -7.52 1.95 -51.22
CA THR B 82 -6.87 2.52 -50.02
C THR B 82 -6.17 1.53 -49.06
N LEU B 83 -6.69 0.28 -48.93
CA LEU B 83 -6.16 -0.81 -48.08
C LEU B 83 -4.63 -1.01 -48.23
N PRO B 84 -4.09 -1.46 -49.40
CA PRO B 84 -2.63 -1.66 -49.51
C PRO B 84 -1.82 -0.37 -49.44
N LEU B 85 -2.43 0.75 -49.91
CA LEU B 85 -1.79 2.07 -49.91
C LEU B 85 -1.50 2.56 -48.48
N VAL B 86 -2.51 2.46 -47.58
CA VAL B 86 -2.43 2.88 -46.18
C VAL B 86 -1.42 2.02 -45.40
N GLU B 87 -1.44 0.68 -45.65
CA GLU B 87 -0.50 -0.33 -45.14
C GLU B 87 0.95 0.14 -45.40
N GLU B 88 1.22 0.67 -46.63
CA GLU B 88 2.50 1.23 -47.10
C GLU B 88 2.80 2.56 -46.43
N ILE B 89 1.82 3.45 -46.33
CA ILE B 89 1.98 4.75 -45.64
C ILE B 89 2.39 4.52 -44.15
N ASP B 90 1.72 3.57 -43.46
CA ASP B 90 1.98 3.25 -42.06
C ASP B 90 3.34 2.59 -41.82
N GLN B 91 3.77 1.74 -42.78
CA GLN B 91 5.05 1.02 -42.75
C GLN B 91 6.21 1.98 -42.93
N ARG B 92 6.01 3.02 -43.77
CA ARG B 92 6.98 4.07 -44.05
C ARG B 92 7.21 4.91 -42.80
N TYR B 93 6.14 5.21 -42.06
CA TYR B 93 6.21 5.95 -40.80
C TYR B 93 7.01 5.22 -39.72
N PHE B 94 6.84 3.89 -39.66
CA PHE B 94 7.53 2.98 -38.77
C PHE B 94 9.02 2.90 -39.16
N SER B 95 9.37 3.20 -40.43
CA SER B 95 10.77 3.20 -40.87
C SER B 95 11.41 4.53 -40.50
N ILE B 96 10.61 5.63 -40.48
CA ILE B 96 11.05 6.97 -40.05
C ILE B 96 11.39 6.89 -38.56
N ILE B 97 10.51 6.22 -37.78
CA ILE B 97 10.69 5.97 -36.35
C ILE B 97 11.96 5.15 -36.11
N ASP B 98 12.17 4.07 -36.89
CA ASP B 98 13.34 3.19 -36.83
C ASP B 98 14.67 3.91 -37.07
N SER B 99 14.69 4.93 -37.96
CA SER B 99 15.88 5.75 -38.30
C SER B 99 16.20 6.72 -37.15
N LYS B 100 15.16 7.34 -36.56
CA LYS B 100 15.27 8.26 -35.42
C LYS B 100 15.76 7.53 -34.15
N VAL B 101 15.49 6.21 -34.05
CA VAL B 101 15.91 5.32 -32.96
C VAL B 101 17.39 5.02 -33.19
N LYS B 102 17.81 4.87 -34.46
CA LYS B 102 19.21 4.63 -34.81
C LYS B 102 20.03 5.85 -34.41
N LYS B 103 19.50 7.07 -34.68
CA LYS B 103 20.08 8.37 -34.34
C LYS B 103 20.19 8.58 -32.83
N VAL B 104 19.14 8.22 -32.08
CA VAL B 104 19.10 8.31 -30.61
C VAL B 104 20.02 7.24 -29.97
N MET B 105 20.01 6.00 -30.49
CA MET B 105 20.86 4.90 -30.01
C MET B 105 22.19 4.87 -30.78
N SER B 106 22.88 6.02 -30.76
CA SER B 106 24.19 6.33 -31.31
C SER B 106 24.72 7.56 -30.52
N ILE B 107 24.73 7.42 -29.17
CA ILE B 107 25.14 8.40 -28.17
C ILE B 107 25.71 7.65 -26.94
N ASN B 111 27.15 9.14 -22.02
CA ASN B 111 27.07 10.53 -22.48
C ASN B 111 26.46 11.44 -21.41
N SER B 112 26.85 12.73 -21.41
CA SER B 112 26.37 13.75 -20.47
C SER B 112 25.19 14.59 -20.98
N ALA B 113 25.15 14.86 -22.30
CA ALA B 113 24.10 15.61 -22.99
C ALA B 113 22.73 14.90 -22.93
N LEU B 114 22.74 13.55 -23.07
CA LEU B 114 21.58 12.65 -23.00
C LEU B 114 21.09 12.47 -21.56
N ARG B 115 22.03 12.26 -20.61
CA ARG B 115 21.75 12.07 -19.18
C ARG B 115 20.82 13.15 -18.59
N ARG B 116 21.07 14.43 -18.97
CA ARG B 116 20.30 15.61 -18.53
C ARG B 116 18.84 15.55 -19.03
N VAL B 117 18.61 14.95 -20.21
CA VAL B 117 17.28 14.80 -20.81
C VAL B 117 16.51 13.71 -20.08
N MET B 118 17.17 12.54 -19.82
CA MET B 118 16.64 11.36 -19.14
C MET B 118 16.08 11.63 -17.73
N GLU B 119 16.73 12.55 -16.98
CA GLU B 119 16.33 12.98 -15.63
C GLU B 119 15.15 13.93 -15.73
N GLU B 120 15.16 14.83 -16.73
CA GLU B 120 14.10 15.79 -16.99
C GLU B 120 12.76 15.09 -17.27
N THR B 121 12.82 14.02 -18.09
CA THR B 121 11.68 13.21 -18.53
C THR B 121 11.11 12.23 -17.51
N TYR B 122 11.83 11.94 -16.42
CA TYR B 122 11.36 11.03 -15.37
C TYR B 122 10.14 11.64 -14.66
N TYR B 123 10.27 12.92 -14.27
CA TYR B 123 9.26 13.71 -13.58
C TYR B 123 8.15 14.08 -14.54
N HIS B 124 8.52 14.27 -15.83
CA HIS B 124 7.64 14.57 -16.94
C HIS B 124 6.73 13.34 -17.21
N HIS B 125 7.29 12.10 -17.24
CA HIS B 125 6.49 10.88 -17.44
C HIS B 125 5.50 10.69 -16.31
N ILE B 126 5.96 10.88 -15.03
CA ILE B 126 5.12 10.76 -13.84
C ILE B 126 4.03 11.85 -13.88
N TYR B 127 4.39 13.11 -14.15
CA TYR B 127 3.41 14.18 -14.23
C TYR B 127 2.24 13.87 -15.21
N HIS B 128 2.54 13.51 -16.47
CA HIS B 128 1.53 13.20 -17.48
C HIS B 128 0.74 11.88 -17.26
N THR B 129 1.36 10.80 -16.72
CA THR B 129 0.64 9.55 -16.45
C THR B 129 -0.39 9.73 -15.27
N VAL B 130 -0.09 10.64 -14.31
CA VAL B 130 -1.02 10.90 -13.20
C VAL B 130 -2.04 11.98 -13.56
N ALA B 131 -1.60 13.02 -14.31
CA ALA B 131 -2.44 14.14 -14.76
C ALA B 131 -3.56 13.72 -15.75
N ILE B 132 -3.30 12.67 -16.56
CA ILE B 132 -4.21 12.07 -17.54
C ILE B 132 -5.37 11.28 -16.89
N GLY B 133 -5.19 10.90 -15.62
CA GLY B 133 -6.19 10.20 -14.83
C GLY B 133 -6.91 11.06 -13.80
N GLY B 134 -6.68 12.39 -13.86
CA GLY B 134 -7.31 13.39 -12.98
C GLY B 134 -6.45 14.10 -11.95
N ASN B 135 -5.19 13.70 -11.73
CA ASN B 135 -4.29 14.29 -10.74
C ASN B 135 -3.84 15.77 -10.99
N THR B 136 -4.14 16.60 -9.99
CA THR B 136 -3.95 18.05 -9.92
C THR B 136 -2.51 18.53 -9.59
N LEU B 137 -1.63 17.62 -9.14
CA LEU B 137 -0.24 17.98 -8.80
C LEU B 137 0.54 18.55 -10.00
N THR B 138 1.34 19.58 -9.72
CA THR B 138 2.21 20.24 -10.67
C THR B 138 3.53 19.45 -10.74
N LEU B 139 4.32 19.65 -11.82
CA LEU B 139 5.61 19.00 -12.05
C LEU B 139 6.55 19.34 -10.88
N SER B 140 6.44 20.59 -10.40
CA SER B 140 7.20 21.13 -9.28
C SER B 140 6.81 20.44 -7.96
N GLU B 141 5.50 20.14 -7.78
CA GLU B 141 4.95 19.46 -6.61
C GLU B 141 5.39 18.01 -6.61
N ILE B 142 5.38 17.36 -7.81
CA ILE B 142 5.83 15.98 -8.06
C ILE B 142 7.34 15.86 -7.76
N ARG B 143 8.13 16.85 -8.19
CA ARG B 143 9.57 16.92 -7.94
C ARG B 143 9.84 17.06 -6.44
N HIS B 144 9.04 17.87 -5.74
CA HIS B 144 9.16 18.07 -4.29
C HIS B 144 8.94 16.76 -3.56
N ILE B 145 7.82 16.04 -3.87
CA ILE B 145 7.43 14.75 -3.30
C ILE B 145 8.52 13.67 -3.49
N LEU B 146 9.01 13.51 -4.70
CA LEU B 146 10.02 12.48 -4.97
C LEU B 146 11.41 12.79 -4.44
N GLU B 147 11.83 14.07 -4.48
CA GLU B 147 13.15 14.47 -3.97
C GLU B 147 13.20 14.59 -2.44
N THR B 148 12.17 15.22 -1.83
CA THR B 148 12.15 15.44 -0.39
C THR B 148 11.53 14.34 0.48
N ARG B 149 10.46 13.64 -0.03
CA ARG B 149 9.66 12.62 0.65
C ARG B 149 8.67 13.29 1.62
N TYR B 150 8.57 14.61 1.50
CA TYR B 150 7.71 15.47 2.29
C TYR B 150 6.50 15.85 1.49
N ALA B 151 5.38 16.00 2.19
CA ALA B 151 4.09 16.32 1.61
C ALA B 151 3.98 17.76 1.10
N VAL B 152 3.08 17.92 0.13
CA VAL B 152 2.76 19.18 -0.52
C VAL B 152 1.51 19.75 0.17
N PRO B 153 1.61 21.00 0.67
CA PRO B 153 0.48 21.61 1.39
C PRO B 153 -0.75 21.93 0.55
N GLY B 154 -1.92 21.69 1.14
CA GLY B 154 -3.21 21.95 0.53
C GLY B 154 -3.55 21.05 -0.64
N LYS B 155 -2.90 19.88 -0.68
CA LYS B 155 -3.11 18.87 -1.71
C LYS B 155 -3.36 17.52 -1.02
N SER B 156 -4.37 16.79 -1.50
CA SER B 156 -4.79 15.50 -0.96
C SER B 156 -3.66 14.50 -0.87
N LEU B 157 -3.74 13.60 0.12
CA LEU B 157 -2.74 12.56 0.31
C LEU B 157 -2.79 11.50 -0.77
N GLU B 158 -3.99 11.21 -1.30
CA GLU B 158 -4.22 10.23 -2.35
C GLU B 158 -3.49 10.59 -3.66
N GLU B 159 -3.56 11.88 -4.05
CA GLU B 159 -2.90 12.41 -5.24
C GLU B 159 -1.37 12.30 -5.11
N GLN B 160 -0.86 12.45 -3.89
CA GLN B 160 0.56 12.37 -3.60
C GLN B 160 1.08 10.94 -3.48
N ASN B 161 0.18 9.98 -3.20
CA ASN B 161 0.49 8.55 -3.06
C ASN B 161 0.44 7.85 -4.42
N GLU B 162 -0.18 8.51 -5.41
CA GLU B 162 -0.26 8.06 -6.79
C GLU B 162 1.15 8.21 -7.39
N VAL B 163 1.82 9.34 -7.04
CA VAL B 163 3.17 9.76 -7.43
C VAL B 163 4.25 8.85 -6.81
N ILE B 164 4.10 8.45 -5.53
CA ILE B 164 4.99 7.53 -4.80
C ILE B 164 4.85 6.13 -5.44
N GLY B 165 3.61 5.77 -5.78
CA GLY B 165 3.28 4.52 -6.46
C GLY B 165 3.94 4.45 -7.82
N MET B 166 3.84 5.52 -8.61
CA MET B 166 4.46 5.60 -9.92
C MET B 166 5.97 5.36 -9.86
N HIS B 167 6.68 6.17 -9.04
CA HIS B 167 8.11 6.09 -8.80
C HIS B 167 8.57 4.67 -8.45
N ALA B 168 7.86 3.99 -7.55
CA ALA B 168 8.13 2.63 -7.11
C ALA B 168 7.94 1.59 -8.24
N ALA B 169 6.85 1.74 -9.03
CA ALA B 169 6.55 0.87 -10.15
C ALA B 169 7.62 0.97 -11.21
N MET B 170 8.03 2.21 -11.61
CA MET B 170 9.07 2.34 -12.63
C MET B 170 10.45 1.87 -12.16
N LYS B 171 10.77 2.11 -10.88
CA LYS B 171 11.98 1.65 -10.19
C LYS B 171 11.99 0.11 -10.25
N TYR B 172 10.85 -0.57 -9.98
CA TYR B 172 10.74 -2.04 -10.00
C TYR B 172 10.92 -2.65 -11.42
N ILE B 173 10.33 -2.02 -12.45
CA ILE B 173 10.45 -2.44 -13.85
C ILE B 173 11.94 -2.36 -14.28
N ASN B 174 12.60 -1.21 -14.01
CA ASN B 174 13.98 -1.00 -14.40
C ASN B 174 14.98 -1.95 -13.73
N THR B 175 14.77 -2.20 -12.44
CA THR B 175 15.57 -3.06 -11.59
C THR B 175 15.32 -4.55 -11.84
N THR B 176 14.06 -4.94 -12.06
CA THR B 176 13.65 -6.35 -12.14
C THR B 176 13.21 -6.88 -13.50
N LEU B 177 12.55 -6.04 -14.29
CA LEU B 177 11.89 -6.46 -15.54
C LEU B 177 12.59 -6.15 -16.87
N VAL B 178 13.13 -4.93 -17.05
CA VAL B 178 13.76 -4.50 -18.32
C VAL B 178 14.82 -5.47 -18.85
N SER B 179 15.92 -5.62 -18.09
CA SER B 179 17.09 -6.45 -18.40
C SER B 179 16.86 -7.96 -18.15
N ARG B 180 15.67 -8.34 -17.66
CA ARG B 180 15.33 -9.73 -17.36
C ARG B 180 15.09 -10.54 -18.63
N ILE B 181 15.64 -11.76 -18.62
CA ILE B 181 15.54 -12.71 -19.72
C ILE B 181 14.42 -13.69 -19.45
N GLY B 182 13.54 -13.85 -20.43
CA GLY B 182 12.42 -14.78 -20.32
C GLY B 182 11.04 -14.24 -20.65
N SER B 183 10.05 -15.08 -20.35
CA SER B 183 8.64 -14.81 -20.59
C SER B 183 8.03 -13.91 -19.50
N VAL B 184 7.10 -13.02 -19.93
CA VAL B 184 6.35 -12.12 -19.06
C VAL B 184 5.17 -12.91 -18.50
N THR B 185 4.96 -12.83 -17.16
CA THR B 185 3.89 -13.55 -16.47
C THR B 185 2.79 -12.61 -15.96
N ILE B 186 1.68 -13.22 -15.50
CA ILE B 186 0.55 -12.51 -14.91
C ILE B 186 1.05 -11.80 -13.64
N SER B 187 1.95 -12.48 -12.88
CA SER B 187 2.56 -11.99 -11.63
C SER B 187 3.37 -10.72 -11.83
N ASP B 188 4.06 -10.57 -12.98
CA ASP B 188 4.84 -9.38 -13.30
C ASP B 188 3.90 -8.20 -13.42
N VAL B 189 2.72 -8.42 -14.01
CA VAL B 189 1.68 -7.40 -14.19
C VAL B 189 1.09 -7.02 -12.82
N LEU B 190 0.83 -8.05 -11.98
CA LEU B 190 0.36 -7.86 -10.61
C LEU B 190 1.36 -7.11 -9.74
N GLU B 191 2.69 -7.39 -9.89
CA GLU B 191 3.75 -6.67 -9.16
C GLU B 191 3.86 -5.19 -9.56
N ILE B 192 3.56 -4.84 -10.83
CA ILE B 192 3.57 -3.44 -11.33
C ILE B 192 2.41 -2.66 -10.67
N HIS B 193 1.18 -3.21 -10.75
CA HIS B 193 -0.03 -2.62 -10.16
C HIS B 193 0.09 -2.54 -8.65
N ARG B 194 0.69 -3.56 -8.02
CA ARG B 194 0.93 -3.60 -6.58
C ARG B 194 1.60 -2.30 -6.11
N ARG B 195 2.52 -1.78 -6.92
CA ARG B 195 3.27 -0.56 -6.66
C ARG B 195 2.56 0.69 -7.15
N VAL B 196 1.95 0.65 -8.34
CA VAL B 196 1.17 1.76 -8.92
C VAL B 196 0.05 2.23 -7.95
N LEU B 197 -0.78 1.25 -7.49
CA LEU B 197 -1.96 1.47 -6.60
C LEU B 197 -1.73 1.34 -5.07
N GLY B 198 -0.69 0.62 -4.69
CA GLY B 198 -0.34 0.27 -3.33
C GLY B 198 -0.49 1.28 -2.23
N TYR B 199 0.10 2.46 -2.41
CA TYR B 199 0.09 3.55 -1.44
C TYR B 199 -1.25 4.25 -1.37
N VAL B 200 -2.08 4.09 -2.41
CA VAL B 200 -3.42 4.66 -2.51
C VAL B 200 -4.46 3.68 -1.97
N ASP B 201 -4.47 2.43 -2.48
CA ASP B 201 -5.42 1.38 -2.13
C ASP B 201 -4.69 0.05 -1.91
N PRO B 202 -4.14 -0.14 -0.69
CA PRO B 202 -3.42 -1.39 -0.39
C PRO B 202 -4.23 -2.68 -0.51
N VAL B 203 -5.54 -2.59 -0.32
CA VAL B 203 -6.49 -3.70 -0.37
C VAL B 203 -6.64 -4.26 -1.80
N GLU B 204 -6.87 -3.35 -2.78
CA GLU B 204 -7.03 -3.69 -4.21
C GLU B 204 -5.75 -3.82 -5.04
N ALA B 205 -4.65 -3.11 -4.67
CA ALA B 205 -3.34 -3.17 -5.34
C ALA B 205 -2.81 -4.62 -5.59
N GLY B 206 -2.57 -4.95 -6.85
CA GLY B 206 -2.06 -6.26 -7.27
C GLY B 206 -3.07 -7.39 -7.19
N ARG B 207 -4.34 -7.00 -7.16
CA ARG B 207 -5.52 -7.85 -7.10
C ARG B 207 -6.54 -7.44 -8.20
N PHE B 208 -7.14 -8.44 -8.86
CA PHE B 208 -8.13 -8.22 -9.91
C PHE B 208 -9.45 -7.68 -9.38
N ARG B 209 -10.21 -7.01 -10.27
CA ARG B 209 -11.56 -6.47 -10.08
C ARG B 209 -12.44 -7.61 -9.56
N THR B 210 -13.27 -7.33 -8.56
CA THR B 210 -14.23 -8.30 -8.05
C THR B 210 -15.64 -7.90 -8.55
N THR B 211 -15.75 -6.67 -9.08
CA THR B 211 -17.00 -6.09 -9.57
C THR B 211 -16.95 -5.76 -11.06
N GLN B 212 -18.13 -5.66 -11.68
CA GLN B 212 -18.23 -5.24 -13.07
C GLN B 212 -18.29 -3.71 -13.08
N VAL B 213 -17.46 -3.11 -13.93
CA VAL B 213 -17.33 -1.65 -14.05
C VAL B 213 -17.63 -1.17 -15.49
N LEU B 214 -17.65 0.19 -15.67
CA LEU B 214 -17.82 0.88 -16.95
C LEU B 214 -16.71 1.92 -17.26
N VAL B 215 -15.98 1.70 -18.37
CA VAL B 215 -14.90 2.58 -18.85
C VAL B 215 -15.41 3.37 -20.05
N GLY B 216 -15.95 4.57 -19.79
CA GLY B 216 -16.54 5.42 -20.80
C GLY B 216 -17.83 4.80 -21.29
N HIS B 217 -17.77 4.18 -22.47
CA HIS B 217 -18.89 3.44 -23.08
C HIS B 217 -18.56 1.95 -23.16
N HIS B 218 -17.33 1.60 -22.70
CA HIS B 218 -16.79 0.24 -22.70
C HIS B 218 -17.14 -0.48 -21.43
N ILE B 219 -17.65 -1.70 -21.61
CA ILE B 219 -18.00 -2.62 -20.55
C ILE B 219 -16.99 -3.74 -20.66
N PRO B 220 -15.96 -3.74 -19.78
CA PRO B 220 -14.92 -4.78 -19.85
C PRO B 220 -15.43 -6.17 -19.49
N PRO B 221 -14.63 -7.25 -19.64
CA PRO B 221 -15.11 -8.58 -19.23
C PRO B 221 -15.62 -8.62 -17.80
N HIS B 222 -16.47 -9.60 -17.50
CA HIS B 222 -17.03 -9.75 -16.16
C HIS B 222 -15.91 -10.26 -15.23
N PRO B 223 -15.84 -9.80 -13.94
CA PRO B 223 -14.80 -10.31 -13.03
C PRO B 223 -14.54 -11.83 -13.03
N GLN B 224 -15.58 -12.65 -13.32
CA GLN B 224 -15.47 -14.11 -13.39
C GLN B 224 -14.57 -14.57 -14.53
N ASP B 225 -14.45 -13.74 -15.59
CA ASP B 225 -13.69 -13.99 -16.81
C ASP B 225 -12.28 -13.36 -16.87
N VAL B 226 -11.96 -12.39 -15.97
CA VAL B 226 -10.68 -11.67 -15.94
C VAL B 226 -9.43 -12.59 -15.92
N GLU B 227 -9.42 -13.66 -15.10
CA GLU B 227 -8.29 -14.60 -15.03
C GLU B 227 -8.02 -15.30 -16.37
N LYS B 228 -9.08 -15.84 -17.04
CA LYS B 228 -8.97 -16.49 -18.35
C LYS B 228 -8.52 -15.51 -19.42
N GLN B 229 -9.07 -14.27 -19.41
CA GLN B 229 -8.75 -13.18 -20.35
C GLN B 229 -7.29 -12.70 -20.23
N MET B 230 -6.76 -12.69 -19.00
CA MET B 230 -5.39 -12.27 -18.69
C MET B 230 -4.36 -13.36 -19.03
N GLN B 231 -4.72 -14.65 -18.81
CA GLN B 231 -3.89 -15.82 -19.14
C GLN B 231 -3.70 -15.91 -20.65
N GLU B 232 -4.76 -15.54 -21.40
CA GLU B 232 -4.78 -15.45 -22.84
C GLU B 232 -3.92 -14.27 -23.28
N PHE B 233 -3.99 -13.12 -22.55
CA PHE B 233 -3.22 -11.89 -22.82
C PHE B 233 -1.71 -12.10 -22.72
N VAL B 234 -1.24 -12.71 -21.60
CA VAL B 234 0.19 -13.01 -21.38
C VAL B 234 0.74 -14.04 -22.39
N GLN B 235 -0.14 -14.93 -22.87
CA GLN B 235 0.19 -15.95 -23.87
C GLN B 235 0.55 -15.21 -25.17
N TRP B 236 -0.28 -14.20 -25.54
CA TRP B 236 -0.07 -13.34 -26.70
C TRP B 236 1.21 -12.49 -26.55
N LEU B 237 1.55 -12.07 -25.32
CA LEU B 237 2.78 -11.30 -25.07
C LEU B 237 4.03 -12.13 -25.38
N ASN B 238 3.96 -13.44 -25.12
CA ASN B 238 5.06 -14.38 -25.34
C ASN B 238 4.97 -15.15 -26.66
N SER B 239 3.85 -14.99 -27.40
CA SER B 239 3.61 -15.62 -28.71
C SER B 239 4.58 -15.10 -29.78
N GLU B 240 4.92 -15.97 -30.75
CA GLU B 240 5.85 -15.67 -31.84
C GLU B 240 5.37 -14.52 -32.74
N GLU B 241 4.06 -14.47 -33.04
CA GLU B 241 3.43 -13.45 -33.88
C GLU B 241 3.56 -12.04 -33.28
N ALA B 242 3.47 -11.92 -31.93
CA ALA B 242 3.59 -10.66 -31.20
C ALA B 242 5.02 -10.12 -31.29
N MET B 243 6.02 -11.03 -31.18
CA MET B 243 7.45 -10.73 -31.29
C MET B 243 7.85 -10.37 -32.73
N ASN B 244 7.04 -10.79 -33.72
CA ASN B 244 7.25 -10.50 -35.15
C ASN B 244 6.70 -9.12 -35.54
N LEU B 245 5.79 -8.56 -34.72
CA LEU B 245 5.20 -7.23 -34.95
C LEU B 245 6.25 -6.15 -34.79
N HIS B 246 6.02 -4.97 -35.40
CA HIS B 246 6.93 -3.85 -35.21
C HIS B 246 6.84 -3.48 -33.72
N PRO B 247 7.97 -3.18 -33.03
CA PRO B 247 7.89 -2.87 -31.60
C PRO B 247 6.84 -1.81 -31.21
N VAL B 248 6.64 -0.77 -32.07
CA VAL B 248 5.66 0.30 -31.82
C VAL B 248 4.23 -0.24 -31.93
N GLU B 249 4.04 -1.34 -32.72
CA GLU B 249 2.74 -2.01 -32.89
C GLU B 249 2.48 -2.99 -31.74
N PHE B 250 3.50 -3.76 -31.32
CA PHE B 250 3.40 -4.68 -30.20
C PHE B 250 3.00 -3.91 -28.93
N ALA B 251 3.70 -2.79 -28.65
CA ALA B 251 3.49 -1.91 -27.50
C ALA B 251 2.09 -1.29 -27.44
N ALA B 252 1.57 -0.79 -28.58
CA ALA B 252 0.22 -0.19 -28.62
C ALA B 252 -0.84 -1.29 -28.44
N LEU B 253 -0.68 -2.46 -29.12
CA LEU B 253 -1.59 -3.60 -29.01
C LEU B 253 -1.61 -4.17 -27.63
N ALA B 254 -0.42 -4.32 -26.99
CA ALA B 254 -0.31 -4.82 -25.62
C ALA B 254 -1.05 -3.88 -24.63
N HIS B 255 -0.88 -2.55 -24.81
CA HIS B 255 -1.50 -1.49 -24.01
C HIS B 255 -2.99 -1.57 -24.19
N TYR B 256 -3.47 -1.45 -25.44
CA TYR B 256 -4.88 -1.51 -25.76
C TYR B 256 -5.50 -2.75 -25.15
N LYS B 257 -5.05 -3.97 -25.55
CA LYS B 257 -5.55 -5.25 -25.05
C LYS B 257 -5.72 -5.32 -23.52
N LEU B 258 -4.78 -4.72 -22.73
CA LEU B 258 -4.81 -4.72 -21.27
C LEU B 258 -5.91 -3.78 -20.74
N VAL B 259 -5.92 -2.53 -21.23
CA VAL B 259 -6.87 -1.48 -20.93
C VAL B 259 -8.35 -1.92 -21.30
N TYR B 260 -8.49 -2.84 -22.29
CA TYR B 260 -9.77 -3.42 -22.73
C TYR B 260 -10.23 -4.43 -21.67
N ILE B 261 -9.35 -5.40 -21.31
CA ILE B 261 -9.64 -6.39 -20.27
C ILE B 261 -10.04 -5.66 -18.99
N HIS B 262 -9.29 -4.59 -18.63
CA HIS B 262 -9.49 -3.74 -17.45
C HIS B 262 -9.48 -4.64 -16.22
N PRO B 263 -8.34 -5.27 -15.89
CA PRO B 263 -8.35 -6.24 -14.79
C PRO B 263 -8.51 -5.70 -13.38
N PHE B 264 -8.23 -4.41 -13.17
CA PHE B 264 -8.27 -3.79 -11.86
C PHE B 264 -9.29 -2.69 -11.73
N ILE B 265 -9.67 -2.38 -10.49
CA ILE B 265 -10.62 -1.33 -10.14
C ILE B 265 -10.14 0.04 -10.62
N ASP B 266 -8.86 0.31 -10.41
CA ASP B 266 -8.21 1.52 -10.82
C ASP B 266 -6.75 1.21 -11.17
N GLY B 267 -6.07 2.20 -11.79
CA GLY B 267 -4.68 2.12 -12.21
C GLY B 267 -4.46 1.29 -13.46
N ASN B 268 -5.52 1.06 -14.28
CA ASN B 268 -5.40 0.23 -15.49
C ASN B 268 -4.62 0.89 -16.62
N GLY B 269 -4.68 2.21 -16.69
CA GLY B 269 -3.99 3.02 -17.68
C GLY B 269 -2.53 3.21 -17.34
N ARG B 270 -2.27 3.50 -16.05
CA ARG B 270 -0.95 3.65 -15.48
C ARG B 270 -0.11 2.41 -15.69
N THR B 271 -0.69 1.22 -15.39
CA THR B 271 -0.07 -0.09 -15.59
C THR B 271 0.15 -0.36 -17.08
N SER B 272 -0.88 -0.09 -17.92
CA SER B 272 -0.83 -0.30 -19.36
C SER B 272 0.19 0.57 -20.08
N ARG B 273 0.28 1.88 -19.69
CA ARG B 273 1.25 2.86 -20.23
C ARG B 273 2.68 2.53 -19.78
N LEU B 274 2.82 1.78 -18.67
CA LEU B 274 4.09 1.28 -18.12
C LEU B 274 4.48 -0.01 -18.83
N LEU B 275 3.52 -0.97 -19.05
CA LEU B 275 3.76 -2.25 -19.74
C LEU B 275 4.16 -2.00 -21.18
N MET B 276 3.59 -0.95 -21.76
CA MET B 276 3.87 -0.44 -23.10
C MET B 276 5.34 -0.03 -23.18
N ASN B 277 5.81 0.72 -22.15
CA ASN B 277 7.16 1.23 -22.05
C ASN B 277 8.18 0.16 -21.75
N LEU B 278 7.74 -0.96 -21.16
CA LEU B 278 8.59 -2.13 -20.89
C LEU B 278 8.85 -2.74 -22.23
N ILE B 279 7.79 -2.91 -23.03
CA ILE B 279 7.88 -3.45 -24.39
C ILE B 279 8.84 -2.62 -25.23
N LEU B 280 8.60 -1.31 -25.34
CA LEU B 280 9.44 -0.41 -26.13
C LEU B 280 10.90 -0.50 -25.75
N MET B 281 11.19 -0.32 -24.46
CA MET B 281 12.55 -0.38 -23.90
C MET B 281 13.26 -1.71 -24.18
N GLN B 282 12.55 -2.85 -24.03
CA GLN B 282 13.11 -4.18 -24.33
C GLN B 282 13.52 -4.34 -25.81
N ALA B 283 12.98 -3.45 -26.68
CA ALA B 283 13.25 -3.41 -28.11
C ALA B 283 14.24 -2.28 -28.45
N GLY B 284 14.83 -1.71 -27.40
CA GLY B 284 15.80 -0.64 -27.52
C GLY B 284 15.21 0.69 -27.91
N TYR B 285 13.95 0.93 -27.54
CA TYR B 285 13.27 2.19 -27.83
C TYR B 285 13.25 2.97 -26.52
N PRO B 286 13.21 4.31 -26.53
CA PRO B 286 13.16 5.01 -25.24
C PRO B 286 11.76 4.87 -24.61
N PRO B 287 11.57 5.13 -23.30
CA PRO B 287 10.20 5.12 -22.75
C PRO B 287 9.43 6.31 -23.35
N ILE B 288 8.12 6.17 -23.60
CA ILE B 288 7.33 7.26 -24.19
C ILE B 288 6.25 7.82 -23.24
N THR B 289 5.83 9.08 -23.50
CA THR B 289 4.80 9.74 -22.72
C THR B 289 3.59 10.25 -23.56
N ILE B 290 2.36 9.91 -23.11
CA ILE B 290 1.08 10.37 -23.67
C ILE B 290 0.74 11.53 -22.74
N ARG B 291 0.88 12.76 -23.22
CA ARG B 291 0.71 14.01 -22.49
C ARG B 291 -0.74 14.21 -22.07
N LYS B 292 -0.96 14.86 -20.90
CA LYS B 292 -2.30 15.15 -20.36
C LYS B 292 -3.25 15.88 -21.32
N GLU B 293 -2.70 16.67 -22.25
CA GLU B 293 -3.40 17.43 -23.31
C GLU B 293 -3.95 16.51 -24.40
N GLN B 294 -3.46 15.27 -24.47
CA GLN B 294 -3.85 14.27 -25.47
C GLN B 294 -5.00 13.38 -25.01
N ARG B 295 -5.45 13.49 -23.72
CA ARG B 295 -6.54 12.67 -23.16
C ARG B 295 -7.72 12.53 -24.12
N SER B 296 -8.17 13.64 -24.74
CA SER B 296 -9.30 13.63 -25.67
C SER B 296 -9.11 12.71 -26.87
N ASP B 297 -7.97 12.87 -27.60
CA ASP B 297 -7.64 12.04 -28.78
C ASP B 297 -7.37 10.62 -28.38
N TYR B 298 -6.60 10.45 -27.27
CA TYR B 298 -6.22 9.19 -26.65
C TYR B 298 -7.48 8.39 -26.33
N TYR B 299 -8.50 9.02 -25.72
CA TYR B 299 -9.76 8.37 -25.42
C TYR B 299 -10.56 8.06 -26.70
N HIS B 300 -10.55 8.99 -27.68
CA HIS B 300 -11.21 8.82 -28.97
C HIS B 300 -10.65 7.63 -29.75
N VAL B 301 -9.29 7.50 -29.79
CA VAL B 301 -8.62 6.41 -30.52
C VAL B 301 -8.84 5.06 -29.91
N LEU B 302 -8.93 5.01 -28.57
CA LEU B 302 -9.23 3.78 -27.83
C LEU B 302 -10.66 3.40 -28.15
N GLU B 303 -11.61 4.38 -28.08
CA GLU B 303 -13.03 4.22 -28.45
C GLU B 303 -13.14 3.70 -29.89
N ALA B 304 -12.35 4.29 -30.84
CA ALA B 304 -12.30 3.85 -32.24
C ALA B 304 -11.86 2.38 -32.37
N ALA B 305 -10.95 1.92 -31.47
CA ALA B 305 -10.43 0.55 -31.46
C ALA B 305 -11.45 -0.43 -30.91
N ASN B 306 -12.32 0.05 -30.01
CA ASN B 306 -13.41 -0.76 -29.45
C ASN B 306 -14.40 -1.05 -30.60
N GLU B 307 -14.69 0.00 -31.42
CA GLU B 307 -15.58 -0.04 -32.58
C GLU B 307 -15.10 -0.97 -33.72
N GLY B 308 -13.85 -1.46 -33.66
CA GLY B 308 -13.34 -2.38 -34.67
C GLY B 308 -12.04 -2.00 -35.37
N ASP B 309 -11.68 -0.70 -35.40
CA ASP B 309 -10.41 -0.28 -36.02
C ASP B 309 -9.30 0.12 -35.02
N VAL B 310 -8.34 -0.80 -34.82
CA VAL B 310 -7.20 -0.63 -33.90
C VAL B 310 -6.07 0.27 -34.43
N ARG B 311 -6.09 0.55 -35.77
CA ARG B 311 -5.08 1.36 -36.46
C ARG B 311 -4.91 2.81 -35.94
N PRO B 312 -5.99 3.63 -35.77
CA PRO B 312 -5.78 5.01 -35.27
C PRO B 312 -5.09 5.11 -33.91
N PHE B 313 -5.18 4.04 -33.09
CA PHE B 313 -4.51 4.04 -31.79
C PHE B 313 -3.02 3.78 -32.01
N ILE B 314 -2.69 2.82 -32.92
CA ILE B 314 -1.30 2.43 -33.26
C ILE B 314 -0.55 3.67 -33.75
N ARG B 315 -1.20 4.48 -34.58
CA ARG B 315 -0.67 5.72 -35.14
C ARG B 315 -0.50 6.78 -34.06
N PHE B 316 -1.44 6.84 -33.11
CA PHE B 316 -1.35 7.78 -32.00
C PHE B 316 -0.10 7.43 -31.16
N ILE B 317 0.09 6.12 -30.88
CA ILE B 317 1.25 5.61 -30.14
C ILE B 317 2.54 5.90 -30.91
N ALA B 318 2.56 5.68 -32.24
CA ALA B 318 3.69 5.92 -33.14
C ALA B 318 4.07 7.40 -33.18
N LYS B 319 3.07 8.30 -33.10
CA LYS B 319 3.25 9.77 -33.06
C LYS B 319 3.83 10.20 -31.71
N CYS B 320 3.38 9.59 -30.59
CA CYS B 320 3.92 9.84 -29.25
C CYS B 320 5.36 9.35 -29.26
N THR B 321 5.65 8.19 -29.91
CA THR B 321 7.04 7.72 -29.98
C THR B 321 7.91 8.65 -30.80
N GLU B 322 7.42 9.19 -31.95
CA GLU B 322 8.17 10.15 -32.77
C GLU B 322 8.46 11.44 -31.99
N THR B 323 7.43 12.05 -31.35
CA THR B 323 7.61 13.27 -30.53
C THR B 323 8.60 13.08 -29.36
N THR B 324 8.67 11.87 -28.76
CA THR B 324 9.62 11.49 -27.71
C THR B 324 11.03 11.41 -28.33
N LEU B 325 11.16 10.80 -29.52
CA LEU B 325 12.43 10.66 -30.26
C LEU B 325 12.96 12.03 -30.74
N ASP B 326 12.05 12.97 -31.09
CA ASP B 326 12.36 14.39 -31.38
C ASP B 326 12.48 14.89 -29.92
N THR B 327 12.88 16.12 -29.58
CA THR B 327 13.02 16.47 -28.14
C THR B 327 14.34 15.83 -27.61
N LEU B 328 14.52 14.47 -27.76
CA LEU B 328 15.74 13.71 -27.43
C LEU B 328 16.79 14.14 -28.45
N LEU B 329 16.37 14.20 -29.73
CA LEU B 329 17.17 14.71 -30.82
C LEU B 329 16.86 16.21 -30.87
N PHE B 330 17.89 17.05 -30.67
CA PHE B 330 17.97 18.52 -30.60
C PHE B 330 18.51 18.97 -29.25
N ALA B 331 18.22 18.19 -28.19
CA ALA B 331 18.75 18.40 -26.83
C ALA B 331 20.14 17.75 -26.77
N THR B 332 20.44 16.90 -27.77
CA THR B 332 21.70 16.17 -28.00
C THR B 332 22.27 16.50 -29.41
N THR B 333 21.75 17.57 -30.07
CA THR B 333 22.15 18.04 -31.41
C THR B 333 22.27 19.57 -31.42
PB ADP C . 5.88 -0.79 15.00
O1B ADP C . 6.03 0.13 16.16
O2B ADP C . 4.40 -0.92 14.74
O3B ADP C . 6.62 -0.25 13.85
PA ADP C . 7.97 -2.85 15.07
O1A ADP C . 8.85 -1.69 14.64
O2A ADP C . 7.84 -3.75 13.90
O3A ADP C . 6.51 -2.23 15.37
O5' ADP C . 8.53 -3.45 16.40
C5' ADP C . 8.58 -2.67 17.59
C4' ADP C . 7.76 -3.38 18.63
O4' ADP C . 8.53 -4.50 19.13
C3' ADP C . 7.44 -2.54 19.85
O3' ADP C . 6.15 -1.99 19.67
C2' ADP C . 7.32 -3.57 20.97
O2' ADP C . 5.96 -3.90 21.13
C1' ADP C . 8.17 -4.74 20.47
N9 ADP C . 9.39 -4.97 21.23
C8 ADP C . 10.22 -4.03 21.78
N7 ADP C . 11.21 -4.52 22.48
C5 ADP C . 11.03 -5.90 22.38
C6 ADP C . 11.73 -6.98 22.93
N6 ADP C . 12.77 -6.84 23.74
N1 ADP C . 11.26 -8.22 22.67
C2 ADP C . 10.16 -8.35 21.92
N3 ADP C . 9.43 -7.40 21.33
C4 ADP C . 9.91 -6.19 21.61
MG MG D . 8.95 0.06 13.34
O1 PG4 E . 2.68 -19.75 22.02
C1 PG4 E . 3.16 -19.30 20.72
C2 PG4 E . 3.90 -17.94 20.77
O2 PG4 E . 5.23 -18.01 21.34
C3 PG4 E . 5.68 -16.85 22.08
C4 PG4 E . 6.63 -17.22 23.22
O3 PG4 E . 6.22 -16.70 24.49
C5 PG4 E . 5.63 -17.68 25.35
C6 PG4 E . 5.45 -17.16 26.79
O4 PG4 E . 4.08 -17.17 27.21
C7 PG4 E . 3.82 -18.05 28.31
C8 PG4 E . 2.33 -18.11 28.66
O5 PG4 E . 1.58 -19.02 27.83
PB ADP F . -5.70 5.03 -14.41
O1B ADP F . -5.55 6.46 -14.85
O2B ADP F . -6.42 4.96 -13.07
O3B ADP F . -4.35 4.37 -14.23
PA ADP F . -8.11 3.53 -15.02
O1A ADP F . -8.77 4.45 -13.99
O2A ADP F . -8.07 2.17 -14.46
O3A ADP F . -6.62 4.06 -15.28
O5' ADP F . -8.91 3.65 -16.39
C5' ADP F . -8.61 4.60 -17.40
C4' ADP F . -7.99 3.83 -18.55
O4' ADP F . -9.04 3.42 -19.46
C3' ADP F . -6.97 4.61 -19.37
O3' ADP F . -5.79 3.84 -19.52
C2' ADP F . -7.58 4.71 -20.76
O2' ADP F . -6.50 4.40 -21.64
C1' ADP F . -8.58 3.56 -20.77
N9 ADP F . -9.73 3.76 -21.65
C8 ADP F . -10.38 4.93 -21.95
N7 ADP F . -11.42 4.77 -22.74
C5 ADP F . -11.46 3.40 -22.96
C6 ADP F . -12.35 2.58 -23.68
N6 ADP F . -13.41 3.04 -24.35
N1 ADP F . -12.10 1.24 -23.69
C2 ADP F . -11.04 0.77 -23.04
N3 ADP F . -10.13 1.45 -22.31
C4 ADP F . -10.42 2.77 -22.31
MG MG G . -8.30 6.41 -11.95
O1 PG4 H . -7.69 -9.06 -25.24
C1 PG4 H . -8.32 -9.03 -26.52
C2 PG4 H . -8.53 -7.59 -27.03
O2 PG4 H . -8.70 -7.59 -28.46
C3 PG4 H . -7.87 -6.63 -29.13
C4 PG4 H . -7.55 -7.10 -30.55
O3 PG4 H . -6.14 -7.21 -30.73
C5 PG4 H . -5.73 -7.75 -32.01
C6 PG4 H . -4.78 -8.94 -31.82
O4 PG4 H . -5.36 -10.21 -32.17
C7 PG4 H . -6.02 -10.89 -31.09
C8 PG4 H . -7.54 -10.95 -31.35
O5 PG4 H . -8.31 -10.73 -30.16
#